data_7DRM
#
_entry.id   7DRM
#
_cell.length_a   92.432
_cell.length_b   91.294
_cell.length_c   100.308
_cell.angle_alpha   90.000
_cell.angle_beta   101.160
_cell.angle_gamma   90.000
#
_symmetry.space_group_name_H-M   'P 1 21 1'
#
loop_
_entity.id
_entity.type
_entity.pdbx_description
1 polymer 'ATP-grasp domain-containing protein'
2 polymer 'PsnA214-38, Precursor peptide'
3 non-polymer "ADENOSINE-5'-DIPHOSPHATE"
4 non-polymer 'MAGNESIUM ION'
5 water water
#
loop_
_entity_poly.entity_id
_entity_poly.type
_entity_poly.pdbx_seq_one_letter_code
_entity_poly.pdbx_strand_id
1 'polypeptide(L)'
;MGSSHHHHHHSSGLVPRGSHMTNLDTSIVVVGSPDDLHVQSVTEGLRARGHEPYVFDTQRFPEEMTVSLGEQGASIFVDG
QQIARPAAVYLRSLYQSPGAYGVDADKAMQDNWRRTLLAFRERSTLMSAVLLRWEEAGTAVYNSPRASANITKPFQLALL
RDAGLPVPRSLWTNDPEAVRRFHAEVGDCIYKPVAGGARTRKLEAKDLEADRIERLSAAPVCFQELLTGDDVRVYVIDDQ
VICALRIVTDEIDFRQAEERIEAIEISDEVKDQCVRAAKLVGLRYTGMDIKAGADGNYRVLELNASAMFRGFEGRANVDI
CGPLCDALIAQTKR
;
A,B,C,D
2 'polypeptide(L)' LFIEDLGKVTGGKGGPYTTLAIGEE E,F
#
loop_
_chem_comp.id
_chem_comp.type
_chem_comp.name
_chem_comp.formula
ADP non-polymer ADENOSINE-5'-DIPHOSPHATE 'C10 H15 N5 O10 P2'
MG non-polymer 'MAGNESIUM ION' 'Mg 2'
#
# COMPACT_ATOMS: atom_id res chain seq x y z
N ASN A 23 26.22 50.91 -9.64
CA ASN A 23 25.34 51.12 -10.76
C ASN A 23 25.11 49.84 -11.52
N LEU A 24 24.85 48.74 -10.84
CA LEU A 24 24.73 47.49 -11.57
C LEU A 24 23.32 47.00 -11.67
N ASP A 25 22.94 46.48 -12.82
CA ASP A 25 21.57 46.06 -12.97
C ASP A 25 21.46 44.68 -12.42
N THR A 26 20.44 44.47 -11.60
CA THR A 26 20.22 43.18 -10.99
C THR A 26 18.82 42.76 -11.26
N SER A 27 18.44 42.71 -12.53
CA SER A 27 17.11 42.32 -12.88
C SER A 27 17.25 40.90 -13.23
N ILE A 28 18.38 40.53 -13.80
CA ILE A 28 18.65 39.13 -14.09
C ILE A 28 19.90 38.82 -13.31
N VAL A 29 19.84 37.76 -12.52
CA VAL A 29 20.99 37.34 -11.77
C VAL A 29 21.35 35.92 -12.20
N VAL A 30 22.62 35.67 -12.50
CA VAL A 30 23.07 34.34 -12.88
C VAL A 30 23.93 33.84 -11.76
N VAL A 31 23.37 33.02 -10.90
CA VAL A 31 24.12 32.57 -9.76
C VAL A 31 25.05 31.50 -10.17
N GLY A 32 26.33 31.77 -10.06
CA GLY A 32 27.34 30.77 -10.37
C GLY A 32 28.69 31.37 -10.61
N SER A 33 29.69 30.54 -10.76
CA SER A 33 31.04 31.04 -10.95
C SER A 33 31.24 31.41 -12.37
N PRO A 34 32.01 32.54 -12.62
CA PRO A 34 32.09 32.90 -14.03
C PRO A 34 32.94 32.02 -14.90
N ASP A 35 33.42 30.90 -14.38
CA ASP A 35 34.17 30.00 -15.20
C ASP A 35 33.34 28.81 -15.64
N ASP A 36 32.06 28.80 -15.30
CA ASP A 36 31.26 27.67 -15.64
C ASP A 36 30.77 27.92 -16.99
N LEU A 37 31.15 27.05 -17.91
CA LEU A 37 30.79 27.22 -19.30
C LEU A 37 29.34 27.51 -19.52
N HIS A 38 28.50 27.08 -18.61
CA HIS A 38 27.11 27.28 -18.83
C HIS A 38 26.73 28.61 -18.24
N VAL A 39 27.50 29.11 -17.31
CA VAL A 39 27.23 30.44 -16.78
C VAL A 39 27.63 31.38 -17.88
N GLN A 40 28.82 31.19 -18.44
CA GLN A 40 29.26 32.04 -19.52
C GLN A 40 28.27 32.02 -20.63
N SER A 41 27.73 30.87 -20.96
CA SER A 41 26.86 30.80 -22.11
C SER A 41 25.64 31.63 -21.93
N VAL A 42 25.18 31.76 -20.70
CA VAL A 42 23.94 32.47 -20.45
C VAL A 42 24.22 33.93 -20.32
N THR A 43 25.35 34.29 -19.74
CA THR A 43 25.72 35.70 -19.70
C THR A 43 25.78 36.21 -21.11
N GLU A 44 26.39 35.47 -22.00
CA GLU A 44 26.39 35.87 -23.38
C GLU A 44 25.03 35.81 -24.03
N GLY A 45 24.27 34.71 -23.91
CA GLY A 45 22.95 34.79 -24.49
C GLY A 45 22.18 36.02 -24.00
N LEU A 46 22.43 36.42 -22.76
CA LEU A 46 21.76 37.60 -22.21
C LEU A 46 22.38 38.89 -22.71
N ARG A 47 23.69 38.97 -22.87
CA ARG A 47 24.26 40.26 -23.24
C ARG A 47 23.83 40.58 -24.64
N ALA A 48 23.68 39.57 -25.46
CA ALA A 48 23.35 39.79 -26.84
C ALA A 48 21.88 39.94 -27.07
N ARG A 49 21.13 40.14 -26.02
CA ARG A 49 19.74 40.41 -26.20
C ARG A 49 19.53 41.68 -25.46
N GLY A 50 20.58 42.17 -24.82
CA GLY A 50 20.50 43.47 -24.20
C GLY A 50 20.68 43.56 -22.72
N HIS A 51 20.53 42.46 -22.03
CA HIS A 51 20.57 42.51 -20.60
C HIS A 51 21.89 42.06 -20.04
N GLU A 52 22.62 42.95 -19.42
CA GLU A 52 23.84 42.55 -18.77
C GLU A 52 23.44 41.83 -17.48
N PRO A 53 24.07 40.67 -17.15
CA PRO A 53 23.59 40.11 -15.90
C PRO A 53 24.45 40.31 -14.71
N TYR A 54 23.88 40.08 -13.53
CA TYR A 54 24.68 40.14 -12.33
C TYR A 54 25.08 38.73 -12.04
N VAL A 55 26.36 38.51 -11.93
CA VAL A 55 26.88 37.16 -11.71
C VAL A 55 27.22 37.03 -10.24
N PHE A 56 26.49 36.16 -9.55
CA PHE A 56 26.57 35.98 -8.09
C PHE A 56 27.40 34.72 -7.82
N ASP A 57 28.70 34.92 -7.57
CA ASP A 57 29.58 33.80 -7.23
C ASP A 57 29.72 33.66 -5.75
N THR A 58 29.12 32.63 -5.21
CA THR A 58 29.21 32.38 -3.81
C THR A 58 30.56 31.89 -3.41
N GLN A 59 31.33 31.43 -4.38
CA GLN A 59 32.61 30.81 -4.07
C GLN A 59 33.62 31.74 -3.52
N ARG A 60 33.34 33.02 -3.63
CA ARG A 60 34.27 33.99 -3.15
C ARG A 60 33.58 34.74 -2.05
N PHE A 61 32.61 34.12 -1.41
CA PHE A 61 31.86 34.83 -0.39
C PHE A 61 32.75 35.41 0.71
N PRO A 62 33.40 34.60 1.55
CA PRO A 62 34.03 35.19 2.75
C PRO A 62 35.21 36.07 2.42
N GLU A 63 36.05 35.65 1.47
CA GLU A 63 37.32 36.32 1.21
C GLU A 63 37.20 37.51 0.27
N GLU A 64 36.31 37.45 -0.73
CA GLU A 64 36.29 38.46 -1.77
C GLU A 64 34.89 38.99 -2.08
N MET A 65 33.95 38.89 -1.13
CA MET A 65 32.61 39.38 -1.36
C MET A 65 32.02 39.86 -0.04
N THR A 66 31.07 40.80 -0.14
CA THR A 66 30.40 41.37 1.02
C THR A 66 28.92 41.03 0.93
N VAL A 67 28.38 40.38 1.97
CA VAL A 67 26.96 40.12 2.08
C VAL A 67 26.49 40.64 3.44
N SER A 68 25.41 41.41 3.43
CA SER A 68 24.79 41.91 4.65
C SER A 68 23.29 41.73 4.50
N LEU A 69 22.66 41.10 5.50
CA LEU A 69 21.22 40.88 5.51
C LEU A 69 20.63 41.56 6.74
N GLY A 70 19.53 42.27 6.56
CA GLY A 70 18.86 42.86 7.69
C GLY A 70 17.62 42.08 7.95
N GLU A 71 16.91 42.38 9.01
CA GLU A 71 15.74 41.64 9.37
C GLU A 71 14.61 41.69 8.39
N GLN A 72 14.67 42.62 7.47
CA GLN A 72 13.63 42.76 6.51
C GLN A 72 14.07 42.02 5.26
N GLY A 73 13.18 41.23 4.69
CA GLY A 73 13.51 40.48 3.50
C GLY A 73 14.02 41.31 2.34
N ALA A 74 13.70 42.60 2.31
CA ALA A 74 14.22 43.46 1.24
C ALA A 74 15.62 43.98 1.55
N SER A 75 16.10 43.81 2.77
CA SER A 75 17.38 44.38 3.21
C SER A 75 18.49 43.38 2.90
N ILE A 76 18.97 43.44 1.65
CA ILE A 76 19.97 42.51 1.14
C ILE A 76 21.03 43.33 0.42
N PHE A 77 22.28 43.22 0.87
CA PHE A 77 23.36 44.06 0.35
C PHE A 77 24.53 43.16 -0.06
N VAL A 78 24.82 43.11 -1.35
CA VAL A 78 25.93 42.33 -1.89
C VAL A 78 26.99 43.31 -2.40
N ASP A 79 28.19 43.23 -1.84
CA ASP A 79 29.30 44.11 -2.20
C ASP A 79 28.88 45.58 -2.09
N GLY A 80 28.07 45.89 -1.08
CA GLY A 80 27.59 47.24 -0.84
C GLY A 80 26.29 47.61 -1.53
N GLN A 81 25.94 46.92 -2.61
CA GLN A 81 24.74 47.28 -3.36
C GLN A 81 23.53 46.51 -2.94
N GLN A 82 22.42 47.18 -2.83
CA GLN A 82 21.17 46.57 -2.41
C GLN A 82 20.55 45.77 -3.55
N ILE A 83 20.15 44.54 -3.26
CA ILE A 83 19.51 43.65 -4.23
C ILE A 83 18.30 43.04 -3.53
N ALA A 84 17.18 43.76 -3.56
CA ALA A 84 15.98 43.28 -2.87
C ALA A 84 15.24 42.22 -3.69
N ARG A 85 15.09 42.44 -4.99
CA ARG A 85 14.26 41.53 -5.77
C ARG A 85 14.65 41.54 -7.24
N PRO A 86 15.58 40.69 -7.66
CA PRO A 86 15.78 40.47 -9.10
C PRO A 86 14.49 39.95 -9.72
N ALA A 87 14.27 40.32 -10.97
CA ALA A 87 13.10 39.79 -11.68
C ALA A 87 13.24 38.29 -11.88
N ALA A 88 14.43 37.83 -12.25
CA ALA A 88 14.65 36.42 -12.52
C ALA A 88 16.05 36.02 -12.10
N VAL A 89 16.19 34.77 -11.66
CA VAL A 89 17.48 34.18 -11.34
C VAL A 89 17.66 32.92 -12.17
N TYR A 90 18.85 32.75 -12.74
CA TYR A 90 19.27 31.47 -13.30
C TYR A 90 20.25 30.85 -12.31
N LEU A 91 19.82 29.79 -11.65
CA LEU A 91 20.58 29.17 -10.57
C LEU A 91 21.37 28.00 -11.17
N ARG A 92 22.63 28.25 -11.52
CA ARG A 92 23.50 27.16 -11.94
C ARG A 92 23.94 26.32 -10.73
N SER A 93 24.53 26.95 -9.73
CA SER A 93 24.98 26.23 -8.54
C SER A 93 25.27 27.21 -7.41
N LEU A 94 24.94 26.79 -6.19
CA LEU A 94 25.32 27.49 -4.98
C LEU A 94 26.59 26.94 -4.34
N TYR A 95 27.06 25.79 -4.80
CA TYR A 95 28.32 25.19 -4.34
C TYR A 95 28.28 24.94 -2.83
N GLN A 96 27.24 24.24 -2.39
CA GLN A 96 26.97 24.11 -0.96
C GLN A 96 27.90 23.14 -0.26
N SER A 97 28.33 22.16 -1.06
CA SER A 97 29.19 21.10 -0.57
C SER A 97 30.62 21.14 -1.14
N PRO A 98 31.65 20.80 -0.34
CA PRO A 98 32.98 20.78 -0.99
C PRO A 98 33.11 19.71 -2.06
N GLY A 99 32.25 18.71 -2.06
CA GLY A 99 32.21 17.71 -3.10
C GLY A 99 31.41 18.10 -4.32
N ALA A 100 30.95 19.35 -4.41
CA ALA A 100 30.11 19.78 -5.52
C ALA A 100 30.94 19.87 -6.81
N TYR A 101 30.22 20.09 -7.92
CA TYR A 101 30.82 19.95 -9.24
C TYR A 101 31.91 20.99 -9.49
N GLY A 102 31.58 22.28 -9.38
CA GLY A 102 32.50 23.31 -9.77
C GLY A 102 33.45 23.78 -8.68
N VAL A 103 33.69 22.94 -7.68
CA VAL A 103 34.41 23.33 -6.46
C VAL A 103 35.72 22.58 -6.40
N ASP A 104 36.82 23.32 -6.26
CA ASP A 104 38.14 22.76 -5.95
C ASP A 104 38.40 23.05 -4.48
N ALA A 105 38.02 22.10 -3.61
CA ALA A 105 38.24 22.19 -2.18
C ALA A 105 39.16 21.08 -1.67
N ASP A 106 39.84 20.42 -2.58
CA ASP A 106 40.67 19.27 -2.21
C ASP A 106 41.72 19.51 -1.12
N LYS A 107 42.55 20.53 -1.28
CA LYS A 107 43.61 20.79 -0.32
C LYS A 107 43.02 21.18 1.04
N ALA A 108 41.96 21.99 1.03
CA ALA A 108 41.34 22.40 2.30
C ALA A 108 40.69 21.23 3.01
N MET A 109 40.14 20.26 2.26
CA MET A 109 39.55 19.09 2.89
C MET A 109 40.60 18.12 3.38
N GLN A 110 41.72 17.98 2.66
CA GLN A 110 42.81 17.17 3.15
C GLN A 110 43.46 17.76 4.39
N ASP A 111 43.39 19.06 4.57
CA ASP A 111 43.91 19.63 5.82
C ASP A 111 42.98 19.34 6.99
N ASN A 112 41.75 19.83 6.93
CA ASN A 112 40.80 19.54 7.99
C ASN A 112 39.48 19.38 7.36
N TRP A 113 38.99 18.17 7.38
CA TRP A 113 37.71 17.94 6.84
C TRP A 113 36.59 18.51 7.66
N ARG A 114 36.88 18.94 8.88
CA ARG A 114 35.78 19.36 9.74
C ARG A 114 35.52 20.85 9.61
N ARG A 115 36.57 21.66 9.66
CA ARG A 115 36.38 23.11 9.56
C ARG A 115 36.00 23.50 8.14
N THR A 116 36.40 22.71 7.14
CA THR A 116 36.01 23.01 5.76
C THR A 116 34.51 22.76 5.59
N LEU A 117 34.04 21.59 6.03
CA LEU A 117 32.61 21.34 6.07
C LEU A 117 31.85 22.43 6.80
N LEU A 118 32.37 22.86 7.96
CA LEU A 118 31.78 23.97 8.70
C LEU A 118 31.71 25.22 7.84
N ALA A 119 32.79 25.55 7.14
CA ALA A 119 32.80 26.75 6.30
C ALA A 119 31.77 26.67 5.19
N PHE A 120 31.66 25.50 4.55
CA PHE A 120 30.69 25.35 3.47
C PHE A 120 29.26 25.45 3.99
N ARG A 121 28.97 24.91 5.16
CA ARG A 121 27.62 25.05 5.73
C ARG A 121 27.35 26.47 6.17
N GLU A 122 28.36 27.16 6.67
CA GLU A 122 28.22 28.56 7.04
C GLU A 122 27.88 29.39 5.81
N ARG A 123 28.56 29.15 4.70
CA ARG A 123 28.25 29.86 3.46
C ARG A 123 26.85 29.50 2.97
N SER A 124 26.52 28.21 3.02
CA SER A 124 25.26 27.71 2.47
C SER A 124 24.07 28.40 3.09
N THR A 125 24.04 28.47 4.42
CA THR A 125 22.86 29.04 5.05
C THR A 125 22.65 30.50 4.65
N LEU A 126 23.74 31.26 4.47
CA LEU A 126 23.60 32.65 4.05
C LEU A 126 23.14 32.77 2.59
N MET A 127 23.77 32.06 1.67
CA MET A 127 23.34 32.21 0.29
C MET A 127 21.95 31.63 0.11
N SER A 128 21.65 30.50 0.74
CA SER A 128 20.29 29.98 0.70
C SER A 128 19.31 31.02 1.22
N ALA A 129 19.68 31.72 2.29
CA ALA A 129 18.81 32.77 2.79
C ALA A 129 18.58 33.84 1.72
N VAL A 130 19.63 34.22 1.00
CA VAL A 130 19.48 35.21 -0.08
C VAL A 130 18.50 34.72 -1.13
N LEU A 131 18.71 33.49 -1.62
CA LEU A 131 17.87 32.96 -2.69
C LEU A 131 16.42 32.80 -2.22
N LEU A 132 16.23 32.39 -0.97
CA LEU A 132 14.88 32.20 -0.44
C LEU A 132 14.18 33.54 -0.25
N ARG A 133 14.91 34.55 0.23
CA ARG A 133 14.34 35.89 0.33
C ARG A 133 13.92 36.40 -1.04
N TRP A 134 14.76 36.18 -2.05
CA TRP A 134 14.42 36.59 -3.40
C TRP A 134 13.13 35.93 -3.88
N GLU A 135 13.06 34.60 -3.77
CA GLU A 135 11.84 33.89 -4.16
C GLU A 135 10.63 34.40 -3.40
N GLU A 136 10.80 34.74 -2.13
CA GLU A 136 9.69 35.23 -1.35
C GLU A 136 9.23 36.54 -1.91
N ALA A 137 10.18 37.36 -2.33
CA ALA A 137 9.86 38.67 -2.86
C ALA A 137 9.15 38.61 -4.21
N GLY A 138 9.14 37.46 -4.88
CA GLY A 138 8.54 37.32 -6.19
C GLY A 138 9.51 37.06 -7.32
N THR A 139 10.80 36.93 -7.02
CA THR A 139 11.78 36.58 -8.05
C THR A 139 11.43 35.23 -8.65
N ALA A 140 11.41 35.18 -9.99
CA ALA A 140 11.24 33.93 -10.71
C ALA A 140 12.58 33.20 -10.70
N VAL A 141 12.73 32.23 -9.80
CA VAL A 141 13.97 31.49 -9.65
C VAL A 141 13.91 30.30 -10.58
N TYR A 142 14.78 30.27 -11.59
CA TYR A 142 14.76 29.16 -12.51
C TYR A 142 15.46 27.99 -11.85
N ASN A 143 14.63 27.15 -11.23
CA ASN A 143 14.94 26.10 -10.28
C ASN A 143 15.33 26.69 -8.94
N SER A 144 14.31 26.87 -8.11
CA SER A 144 14.49 27.29 -6.74
C SER A 144 15.06 26.15 -5.90
N PRO A 145 15.91 26.44 -4.92
CA PRO A 145 16.48 25.36 -4.10
C PRO A 145 15.45 24.59 -3.29
N ARG A 146 14.24 25.12 -3.16
CA ARG A 146 13.23 24.46 -2.36
C ARG A 146 12.84 23.15 -3.01
N ALA A 147 13.04 23.03 -4.31
CA ALA A 147 12.74 21.81 -5.04
C ALA A 147 13.63 20.64 -4.63
N SER A 148 14.69 20.88 -3.85
CA SER A 148 15.57 19.80 -3.42
C SER A 148 14.77 18.66 -2.81
N ALA A 149 13.78 18.98 -1.99
CA ALA A 149 12.94 17.97 -1.35
C ALA A 149 12.25 17.09 -2.37
N ASN A 150 11.67 17.69 -3.41
CA ASN A 150 11.03 16.86 -4.42
C ASN A 150 12.02 16.19 -5.36
N ILE A 151 13.28 16.63 -5.35
CA ILE A 151 14.26 16.07 -6.28
C ILE A 151 14.81 14.74 -5.78
N THR A 152 14.77 14.47 -4.46
CA THR A 152 15.25 13.20 -3.88
C THR A 152 14.70 12.12 -4.72
N LYS A 153 15.54 11.36 -5.39
CA LYS A 153 15.05 10.38 -6.34
C LYS A 153 14.17 9.30 -5.83
N PRO A 154 14.52 8.66 -4.73
CA PRO A 154 13.54 7.67 -4.31
C PRO A 154 12.16 8.26 -4.07
N PHE A 155 12.06 9.54 -3.74
CA PHE A 155 10.78 10.21 -3.60
C PHE A 155 10.28 10.77 -4.92
N GLN A 156 11.18 11.28 -5.76
CA GLN A 156 10.76 11.87 -7.03
C GLN A 156 10.10 10.83 -7.91
N LEU A 157 10.71 9.65 -8.02
CA LEU A 157 10.15 8.63 -8.91
C LEU A 157 8.78 8.17 -8.44
N ALA A 158 8.57 8.08 -7.12
CA ALA A 158 7.25 7.70 -6.61
C ALA A 158 6.23 8.82 -6.80
N LEU A 159 6.65 10.07 -6.59
CA LEU A 159 5.77 11.21 -6.84
C LEU A 159 5.27 11.21 -8.27
N LEU A 160 6.14 10.86 -9.22
CA LEU A 160 5.71 10.78 -10.61
C LEU A 160 4.84 9.54 -10.85
N ARG A 161 5.26 8.38 -10.35
CA ARG A 161 4.53 7.14 -10.57
C ARG A 161 3.09 7.25 -10.10
N ASP A 162 2.89 7.69 -8.87
CA ASP A 162 1.54 7.76 -8.32
C ASP A 162 0.75 8.86 -8.96
N ALA A 163 1.40 9.67 -9.78
CA ALA A 163 0.72 10.70 -10.54
C ALA A 163 0.47 10.29 -11.99
N GLY A 164 0.65 9.03 -12.33
CA GLY A 164 0.36 8.54 -13.66
C GLY A 164 1.48 8.65 -14.66
N LEU A 165 2.69 8.91 -14.23
CA LEU A 165 3.72 8.78 -15.25
C LEU A 165 4.45 7.45 -15.08
N PRO A 166 4.84 6.82 -16.18
CA PRO A 166 5.54 5.54 -16.09
C PRO A 166 7.01 5.75 -15.74
N VAL A 167 7.50 4.91 -14.83
CA VAL A 167 8.89 4.93 -14.39
C VAL A 167 9.39 3.49 -14.42
N PRO A 168 10.69 3.22 -14.32
CA PRO A 168 11.14 1.82 -14.29
C PRO A 168 10.69 1.13 -13.00
N ARG A 169 10.49 -0.18 -13.10
CA ARG A 169 10.35 -0.99 -11.90
C ARG A 169 11.64 -0.89 -11.08
N SER A 170 11.53 -0.36 -9.87
CA SER A 170 12.69 0.09 -9.11
C SER A 170 12.77 -0.62 -7.77
N LEU A 171 13.96 -0.51 -7.16
CA LEU A 171 14.20 -1.04 -5.82
C LEU A 171 15.43 -0.33 -5.27
N TRP A 172 15.20 0.62 -4.37
CA TRP A 172 16.27 1.25 -3.61
C TRP A 172 16.43 0.48 -2.31
N THR A 173 17.60 -0.13 -2.09
CA THR A 173 17.68 -1.00 -0.92
C THR A 173 19.12 -1.25 -0.52
N ASN A 174 19.25 -1.84 0.69
CA ASN A 174 20.49 -2.36 1.24
C ASN A 174 20.36 -3.82 1.65
N ASP A 175 19.33 -4.51 1.16
CA ASP A 175 19.05 -5.90 1.54
C ASP A 175 19.26 -6.80 0.34
N PRO A 176 20.24 -7.71 0.39
CA PRO A 176 20.50 -8.57 -0.79
C PRO A 176 19.35 -9.47 -1.17
N GLU A 177 18.54 -9.92 -0.20
CA GLU A 177 17.41 -10.79 -0.52
C GLU A 177 16.35 -10.05 -1.31
N ALA A 178 16.09 -8.80 -0.96
CA ALA A 178 15.20 -7.97 -1.76
C ALA A 178 15.71 -7.82 -3.19
N VAL A 179 17.04 -7.68 -3.34
CA VAL A 179 17.62 -7.58 -4.67
C VAL A 179 17.39 -8.86 -5.45
N ARG A 180 17.63 -10.00 -4.81
CA ARG A 180 17.46 -11.29 -5.48
C ARG A 180 16.02 -11.50 -5.91
N ARG A 181 15.07 -11.17 -5.04
CA ARG A 181 13.67 -11.37 -5.40
C ARG A 181 13.20 -10.37 -6.47
N PHE A 182 13.66 -9.12 -6.40
CA PHE A 182 13.36 -8.14 -7.45
C PHE A 182 13.93 -8.59 -8.80
N HIS A 183 15.15 -9.14 -8.79
CA HIS A 183 15.74 -9.67 -10.01
C HIS A 183 14.93 -10.83 -10.56
N ALA A 184 14.49 -11.74 -9.67
CA ALA A 184 13.66 -12.85 -10.12
C ALA A 184 12.29 -12.39 -10.59
N GLU A 185 11.84 -11.23 -10.14
CA GLU A 185 10.58 -10.67 -10.63
C GLU A 185 10.74 -10.01 -11.99
N VAL A 186 11.88 -9.39 -12.26
CA VAL A 186 12.05 -8.44 -13.33
C VAL A 186 12.87 -9.01 -14.49
N GLY A 187 14.00 -9.64 -14.20
CA GLY A 187 14.88 -10.09 -15.25
C GLY A 187 16.15 -9.28 -15.33
N ASP A 188 16.53 -8.81 -16.49
CA ASP A 188 17.74 -8.05 -16.60
C ASP A 188 17.58 -6.79 -15.81
N CYS A 189 18.59 -6.40 -15.06
CA CYS A 189 18.54 -5.25 -14.18
C CYS A 189 19.80 -4.42 -14.32
N ILE A 190 19.67 -3.14 -13.95
CA ILE A 190 20.81 -2.24 -13.80
C ILE A 190 20.86 -1.82 -12.34
N TYR A 191 22.05 -1.43 -11.89
CA TYR A 191 22.19 -0.73 -10.63
C TYR A 191 22.87 0.61 -10.86
N LYS A 192 22.53 1.54 -9.97
CA LYS A 192 23.00 2.87 -10.10
C LYS A 192 22.93 3.59 -8.73
N PRO A 193 23.55 4.78 -8.51
CA PRO A 193 23.53 5.41 -7.20
C PRO A 193 22.14 5.87 -6.81
N VAL A 194 21.90 5.88 -5.49
CA VAL A 194 20.62 6.35 -4.97
C VAL A 194 20.44 7.83 -5.28
N ALA A 195 21.42 8.66 -4.91
CA ALA A 195 21.37 10.09 -5.15
C ALA A 195 22.16 10.51 -6.39
N GLY A 196 23.16 9.73 -6.79
CA GLY A 196 23.98 10.07 -7.94
C GLY A 196 25.46 9.97 -7.68
N GLY A 197 26.28 10.06 -8.74
CA GLY A 197 27.72 10.10 -8.57
C GLY A 197 28.48 8.98 -9.24
N ALA A 198 27.82 8.17 -10.05
CA ALA A 198 28.48 7.08 -10.76
C ALA A 198 27.58 6.64 -11.92
N ARG A 199 28.17 5.91 -12.85
CA ARG A 199 27.43 5.46 -14.01
C ARG A 199 26.63 4.25 -13.67
N THR A 200 25.50 4.10 -14.34
CA THR A 200 24.68 2.91 -14.14
C THR A 200 25.29 1.73 -14.91
N ARG A 201 25.23 0.55 -14.33
CA ARG A 201 25.84 -0.58 -14.96
C ARG A 201 24.93 -1.76 -14.90
N LYS A 202 25.05 -2.66 -15.86
CA LYS A 202 24.24 -3.87 -15.90
C LYS A 202 24.53 -4.68 -14.64
N LEU A 203 23.47 -5.20 -14.04
CA LEU A 203 23.60 -6.11 -12.91
C LEU A 203 24.05 -7.47 -13.44
N GLU A 204 25.32 -7.80 -13.26
CA GLU A 204 25.88 -9.05 -13.73
C GLU A 204 25.79 -10.10 -12.63
N ALA A 205 25.98 -11.37 -13.03
CA ALA A 205 25.88 -12.47 -12.07
C ALA A 205 26.97 -12.40 -11.03
N LYS A 206 28.07 -11.76 -11.33
CA LYS A 206 29.11 -11.61 -10.34
C LYS A 206 28.61 -10.75 -9.21
N ASP A 207 27.71 -9.81 -9.51
CA ASP A 207 27.25 -8.87 -8.50
C ASP A 207 26.27 -9.50 -7.53
N LEU A 208 25.69 -10.65 -7.86
CA LEU A 208 24.76 -11.32 -6.97
C LEU A 208 25.41 -12.40 -6.11
N GLU A 209 26.67 -12.73 -6.38
CA GLU A 209 27.42 -13.58 -5.46
C GLU A 209 27.45 -12.92 -4.09
N ALA A 210 27.39 -13.73 -3.04
CA ALA A 210 27.32 -13.20 -1.68
C ALA A 210 28.45 -12.23 -1.39
N ASP A 211 29.65 -12.54 -1.86
CA ASP A 211 30.83 -11.75 -1.54
C ASP A 211 30.72 -10.30 -1.74
N ARG A 212 30.02 -9.92 -2.80
CA ARG A 212 29.91 -8.52 -3.14
C ARG A 212 28.53 -7.96 -2.94
N ILE A 213 27.50 -8.79 -3.05
CA ILE A 213 26.17 -8.28 -2.79
C ILE A 213 25.98 -7.97 -1.31
N GLU A 214 26.73 -8.62 -0.42
CA GLU A 214 26.67 -8.24 0.98
C GLU A 214 27.27 -6.86 1.26
N ARG A 215 27.82 -6.21 0.24
CA ARG A 215 28.41 -4.88 0.43
C ARG A 215 27.33 -3.82 0.48
N LEU A 216 26.06 -4.22 0.41
CA LEU A 216 24.95 -3.27 0.54
C LEU A 216 24.85 -2.73 1.96
N SER A 217 25.47 -3.39 2.93
CA SER A 217 25.47 -2.90 4.31
C SER A 217 26.29 -1.64 4.47
N ALA A 218 27.12 -1.30 3.50
CA ALA A 218 27.86 -0.04 3.53
C ALA A 218 27.01 1.13 3.06
N ALA A 219 26.13 0.92 2.08
CA ALA A 219 25.25 1.94 1.52
C ALA A 219 24.22 1.29 0.60
N PRO A 220 22.99 1.78 0.55
CA PRO A 220 22.03 1.25 -0.39
C PRO A 220 22.36 1.68 -1.82
N VAL A 221 21.83 0.93 -2.78
CA VAL A 221 21.90 1.33 -4.19
C VAL A 221 20.53 1.16 -4.83
N CYS A 222 20.40 1.68 -6.04
CA CYS A 222 19.17 1.63 -6.82
C CYS A 222 19.29 0.54 -7.88
N PHE A 223 18.40 -0.43 -7.83
CA PHE A 223 18.26 -1.43 -8.88
C PHE A 223 17.01 -1.13 -9.69
N GLN A 224 17.08 -1.35 -10.99
CA GLN A 224 15.98 -1.03 -11.88
C GLN A 224 15.92 -2.04 -13.02
N GLU A 225 14.74 -2.13 -13.64
CA GLU A 225 14.59 -2.96 -14.82
C GLU A 225 15.42 -2.38 -15.96
N LEU A 226 16.20 -3.23 -16.61
CA LEU A 226 17.04 -2.80 -17.73
C LEU A 226 16.14 -2.46 -18.90
N LEU A 227 15.95 -1.18 -19.15
CA LEU A 227 15.18 -0.78 -20.30
C LEU A 227 16.14 -0.85 -21.43
N THR A 228 15.68 -1.25 -22.60
CA THR A 228 16.55 -1.50 -23.74
C THR A 228 16.44 -0.46 -24.84
N GLY A 229 15.53 0.50 -24.70
CA GLY A 229 15.30 1.45 -25.76
C GLY A 229 16.14 2.66 -25.96
N ASP A 230 15.49 3.78 -26.16
CA ASP A 230 16.24 4.96 -26.48
C ASP A 230 16.20 6.02 -25.43
N ASP A 231 17.37 6.46 -25.04
CA ASP A 231 17.43 7.49 -24.06
C ASP A 231 17.15 8.81 -24.72
N VAL A 232 16.10 9.47 -24.30
CA VAL A 232 15.74 10.73 -24.88
C VAL A 232 15.81 11.80 -23.83
N ARG A 233 16.50 12.90 -24.13
CA ARG A 233 16.55 14.02 -23.22
C ARG A 233 15.56 15.05 -23.66
N VAL A 234 14.65 15.38 -22.79
CA VAL A 234 13.62 16.37 -23.07
C VAL A 234 13.94 17.62 -22.27
N TYR A 235 13.90 18.78 -22.92
CA TYR A 235 14.11 20.05 -22.24
C TYR A 235 12.78 20.77 -22.11
N VAL A 236 12.47 21.22 -20.90
CA VAL A 236 11.22 21.92 -20.61
C VAL A 236 11.56 23.25 -19.93
N ILE A 237 11.00 24.33 -20.47
CA ILE A 237 11.14 25.67 -19.92
C ILE A 237 9.75 26.29 -19.83
N ASP A 238 9.36 26.68 -18.61
CA ASP A 238 8.08 27.35 -18.35
C ASP A 238 6.93 26.61 -19.03
N ASP A 239 6.83 25.31 -18.75
CA ASP A 239 5.70 24.48 -19.19
C ASP A 239 5.61 24.36 -20.71
N GLN A 240 6.77 24.29 -21.37
CA GLN A 240 6.82 24.08 -22.81
C GLN A 240 8.09 23.31 -23.17
N VAL A 241 7.94 22.34 -24.06
CA VAL A 241 9.05 21.49 -24.48
C VAL A 241 9.83 22.20 -25.57
N ILE A 242 11.12 22.40 -25.35
CA ILE A 242 12.00 23.08 -26.30
C ILE A 242 12.44 22.12 -27.39
N CYS A 243 12.84 20.91 -27.03
CA CYS A 243 13.25 19.89 -27.98
C CYS A 243 13.25 18.54 -27.26
N ALA A 244 13.57 17.50 -28.01
CA ALA A 244 13.72 16.14 -27.46
C ALA A 244 14.80 15.44 -28.26
N LEU A 245 15.94 15.19 -27.61
CA LEU A 245 17.14 14.74 -28.29
C LEU A 245 17.35 13.26 -28.00
N ARG A 246 17.39 12.45 -29.05
CA ARG A 246 17.64 11.02 -28.92
C ARG A 246 19.10 10.70 -28.97
N ILE A 247 19.63 10.15 -27.90
CA ILE A 247 21.05 9.86 -27.76
C ILE A 247 21.27 8.41 -28.15
N VAL A 248 22.07 8.18 -29.18
CA VAL A 248 22.39 6.84 -29.66
C VAL A 248 23.88 6.62 -29.48
N THR A 249 24.22 5.45 -28.96
CA THR A 249 25.61 4.98 -28.91
C THR A 249 25.91 4.24 -30.20
N ASP A 250 26.80 4.79 -31.02
CA ASP A 250 27.22 4.15 -32.29
C ASP A 250 28.28 3.13 -32.02
N GLU A 251 27.97 1.86 -32.25
CA GLU A 251 28.92 0.81 -31.94
C GLU A 251 29.25 -0.04 -33.14
N ILE A 252 29.11 0.53 -34.32
CA ILE A 252 29.47 -0.18 -35.50
C ILE A 252 30.93 -0.46 -35.35
N ASP A 253 31.73 0.52 -34.95
CA ASP A 253 33.14 0.19 -34.76
C ASP A 253 33.45 0.20 -33.31
N PHE A 254 34.06 -0.85 -32.81
CA PHE A 254 34.33 -0.97 -31.39
C PHE A 254 35.53 -0.20 -30.95
N ARG A 255 36.22 0.41 -31.87
CA ARG A 255 37.40 1.11 -31.51
C ARG A 255 37.16 2.59 -31.49
N GLN A 256 35.97 3.00 -31.93
CA GLN A 256 35.62 4.39 -31.93
C GLN A 256 34.15 4.40 -31.75
N ALA A 257 33.73 4.29 -30.51
CA ALA A 257 32.33 4.28 -30.21
C ALA A 257 31.94 5.70 -29.97
N GLU A 258 31.00 6.19 -30.73
CA GLU A 258 30.68 7.58 -30.63
C GLU A 258 29.25 7.81 -30.27
N GLU A 259 28.86 9.07 -30.19
CA GLU A 259 27.52 9.37 -29.79
C GLU A 259 26.81 10.27 -30.75
N ARG A 260 25.73 9.79 -31.32
CA ARG A 260 24.92 10.55 -32.25
C ARG A 260 23.68 11.07 -31.54
N ILE A 261 23.47 12.38 -31.59
CA ILE A 261 22.36 13.00 -30.89
C ILE A 261 21.49 13.71 -31.93
N GLU A 262 20.21 13.37 -31.94
CA GLU A 262 19.30 13.84 -32.99
C GLU A 262 18.05 14.45 -32.39
N ALA A 263 17.67 15.64 -32.85
CA ALA A 263 16.36 16.17 -32.53
C ALA A 263 15.27 15.29 -33.14
N ILE A 264 14.30 14.89 -32.32
CA ILE A 264 13.18 14.07 -32.77
C ILE A 264 11.87 14.70 -32.32
N GLU A 265 10.81 14.35 -33.03
CA GLU A 265 9.46 14.75 -32.63
C GLU A 265 8.92 13.75 -31.62
N ILE A 266 8.33 14.26 -30.55
CA ILE A 266 7.62 13.43 -29.59
C ILE A 266 6.15 13.79 -29.67
N SER A 267 5.29 12.79 -29.44
CA SER A 267 3.86 13.03 -29.47
C SER A 267 3.46 14.04 -28.41
N ASP A 268 2.31 14.68 -28.63
CA ASP A 268 1.80 15.66 -27.67
C ASP A 268 1.53 15.04 -26.31
N GLU A 269 1.18 13.76 -26.27
CA GLU A 269 0.94 13.08 -25.01
C GLU A 269 2.19 13.06 -24.24
N VAL A 270 3.28 12.65 -24.87
CA VAL A 270 4.56 12.63 -24.20
C VAL A 270 4.93 14.02 -23.74
N LYS A 271 4.74 15.02 -24.57
CA LYS A 271 5.01 16.39 -24.16
C LYS A 271 4.30 16.76 -22.87
N ASP A 272 2.98 16.72 -22.88
CA ASP A 272 2.18 17.10 -21.72
C ASP A 272 2.62 16.33 -20.47
N GLN A 273 3.03 15.06 -20.63
CA GLN A 273 3.53 14.33 -19.48
C GLN A 273 4.82 14.93 -18.93
N CYS A 274 5.74 15.31 -19.83
CA CYS A 274 6.96 15.95 -19.38
C CYS A 274 6.68 17.28 -18.68
N VAL A 275 5.74 18.06 -19.21
CA VAL A 275 5.38 19.33 -18.58
C VAL A 275 4.77 19.09 -17.20
N ARG A 276 3.88 18.14 -17.09
CA ARG A 276 3.31 17.81 -15.81
C ARG A 276 4.40 17.46 -14.84
N ALA A 277 5.30 16.58 -15.25
CA ALA A 277 6.36 16.15 -14.34
C ALA A 277 7.16 17.35 -13.85
N ALA A 278 7.55 18.24 -14.77
CA ALA A 278 8.29 19.43 -14.38
C ALA A 278 7.52 20.26 -13.37
N LYS A 279 6.20 20.36 -13.53
CA LYS A 279 5.40 21.10 -12.57
C LYS A 279 5.30 20.36 -11.24
N LEU A 280 5.25 19.03 -11.28
CA LEU A 280 5.18 18.24 -10.05
C LEU A 280 6.42 18.45 -9.20
N VAL A 281 7.60 18.24 -9.80
CA VAL A 281 8.83 18.35 -9.02
C VAL A 281 9.04 19.79 -8.56
N GLY A 282 8.66 20.76 -9.39
CA GLY A 282 8.80 22.15 -9.03
C GLY A 282 9.92 22.85 -9.77
N LEU A 283 10.09 22.51 -11.04
CA LEU A 283 11.15 23.06 -11.87
C LEU A 283 10.56 23.97 -12.95
N ARG A 284 11.32 25.02 -13.28
CA ARG A 284 11.03 25.86 -14.43
C ARG A 284 11.83 25.44 -15.64
N TYR A 285 13.15 25.36 -15.50
CA TYR A 285 14.04 24.83 -16.51
C TYR A 285 14.48 23.45 -16.07
N THR A 286 14.18 22.42 -16.89
CA THR A 286 14.55 21.07 -16.53
C THR A 286 14.97 20.29 -17.77
N GLY A 287 16.11 19.61 -17.67
CA GLY A 287 16.47 18.59 -18.62
C GLY A 287 16.18 17.22 -18.00
N MET A 288 15.08 16.60 -18.43
CA MET A 288 14.69 15.31 -17.89
C MET A 288 15.08 14.22 -18.87
N ASP A 289 15.46 13.06 -18.34
CA ASP A 289 15.80 11.91 -19.17
C ASP A 289 14.68 10.89 -19.11
N ILE A 290 14.22 10.46 -20.29
CA ILE A 290 13.24 9.39 -20.40
C ILE A 290 13.86 8.29 -21.25
N LYS A 291 13.21 7.14 -21.26
CA LYS A 291 13.76 5.99 -21.99
C LYS A 291 12.64 4.99 -22.24
N ALA A 292 12.62 4.43 -23.44
CA ALA A 292 11.58 3.49 -23.80
C ALA A 292 11.97 2.06 -23.41
N GLY A 293 10.95 1.25 -23.11
CA GLY A 293 11.16 -0.14 -22.84
C GLY A 293 11.20 -0.95 -24.12
N ALA A 294 11.10 -2.28 -23.96
CA ALA A 294 10.98 -3.15 -25.12
C ALA A 294 9.74 -2.82 -25.92
N ASP A 295 8.65 -2.49 -25.23
CA ASP A 295 7.40 -2.13 -25.89
C ASP A 295 7.44 -0.77 -26.56
N GLY A 296 8.59 -0.10 -26.58
CA GLY A 296 8.72 1.16 -27.28
C GLY A 296 8.01 2.34 -26.64
N ASN A 297 7.75 2.28 -25.33
CA ASN A 297 7.05 3.34 -24.63
C ASN A 297 7.93 3.89 -23.51
N TYR A 298 7.93 5.21 -23.36
CA TYR A 298 8.89 5.89 -22.50
C TYR A 298 8.54 5.68 -21.03
N ARG A 299 9.58 5.51 -20.21
CA ARG A 299 9.48 5.64 -18.76
C ARG A 299 10.34 6.83 -18.36
N VAL A 300 9.90 7.56 -17.35
CA VAL A 300 10.69 8.68 -16.86
C VAL A 300 11.81 8.14 -15.98
N LEU A 301 13.02 8.65 -16.17
CA LEU A 301 14.19 8.22 -15.41
C LEU A 301 14.55 9.18 -14.29
N GLU A 302 14.57 10.48 -14.65
CA GLU A 302 14.91 11.52 -13.71
C GLU A 302 14.72 12.91 -14.24
N LEU A 303 14.38 13.86 -13.40
CA LEU A 303 14.42 15.26 -13.76
C LEU A 303 15.60 15.92 -13.05
N ASN A 304 16.34 16.75 -13.78
CA ASN A 304 17.53 17.39 -13.25
C ASN A 304 17.22 18.83 -12.84
N ALA A 305 17.84 19.27 -11.75
CA ALA A 305 17.56 20.59 -11.19
C ALA A 305 18.44 21.69 -11.77
N SER A 306 19.60 21.34 -12.30
CA SER A 306 20.46 22.30 -13.00
C SER A 306 21.08 21.57 -14.20
N ALA A 307 20.21 21.15 -15.12
CA ALA A 307 20.63 20.39 -16.28
C ALA A 307 21.63 21.17 -17.12
N MET A 308 22.59 20.45 -17.70
CA MET A 308 23.48 21.02 -18.70
C MET A 308 22.84 20.96 -20.09
N PHE A 309 23.36 21.76 -21.01
CA PHE A 309 22.79 21.78 -22.35
C PHE A 309 23.79 21.97 -23.49
N ARG A 310 25.04 22.32 -23.17
CA ARG A 310 25.97 22.75 -24.22
C ARG A 310 26.27 21.61 -25.20
N GLY A 311 26.71 20.45 -24.69
CA GLY A 311 27.05 19.34 -25.57
C GLY A 311 25.88 18.87 -26.41
N PHE A 312 24.67 18.87 -25.82
CA PHE A 312 23.48 18.52 -26.58
C PHE A 312 23.23 19.49 -27.72
N GLU A 313 23.25 20.80 -27.44
CA GLU A 313 23.13 21.81 -28.49
C GLU A 313 24.14 21.56 -29.61
N GLY A 314 25.41 21.36 -29.25
CA GLY A 314 26.43 21.17 -30.26
C GLY A 314 26.19 19.96 -31.14
N ARG A 315 26.01 18.81 -30.53
CA ARG A 315 25.86 17.57 -31.28
C ARG A 315 24.55 17.41 -31.99
N ALA A 316 23.53 18.14 -31.60
CA ALA A 316 22.20 17.99 -32.17
C ALA A 316 21.74 19.19 -32.98
N ASN A 317 22.51 20.27 -32.99
CA ASN A 317 22.18 21.49 -33.74
C ASN A 317 20.81 22.02 -33.35
N VAL A 318 20.66 22.29 -32.06
CA VAL A 318 19.46 22.92 -31.51
C VAL A 318 19.89 24.08 -30.62
N ASP A 319 18.92 24.90 -30.24
CA ASP A 319 19.16 26.07 -29.40
C ASP A 319 18.35 25.92 -28.12
N ILE A 320 19.04 25.62 -27.02
CA ILE A 320 18.42 25.55 -25.70
C ILE A 320 18.71 26.80 -24.89
N CYS A 321 19.93 27.32 -25.00
CA CYS A 321 20.32 28.52 -24.24
C CYS A 321 19.46 29.71 -24.62
N GLY A 322 19.07 29.81 -25.89
CA GLY A 322 18.24 30.89 -26.38
C GLY A 322 16.88 30.97 -25.71
N PRO A 323 16.11 29.88 -25.76
CA PRO A 323 14.83 29.86 -25.03
C PRO A 323 14.96 30.15 -23.54
N LEU A 324 16.04 29.68 -22.90
CA LEU A 324 16.24 29.97 -21.49
C LEU A 324 16.47 31.46 -21.26
N CYS A 325 17.33 32.07 -22.07
CA CYS A 325 17.56 33.50 -21.95
C CYS A 325 16.28 34.30 -22.21
N ASP A 326 15.48 33.86 -23.18
CA ASP A 326 14.24 34.56 -23.48
C ASP A 326 13.24 34.42 -22.34
N ALA A 327 13.18 33.25 -21.71
CA ALA A 327 12.31 33.07 -20.55
C ALA A 327 12.77 33.94 -19.38
N LEU A 328 14.07 34.07 -19.18
CA LEU A 328 14.60 34.94 -18.14
C LEU A 328 14.23 36.40 -18.41
N ILE A 329 14.42 36.85 -19.65
CA ILE A 329 14.16 38.24 -20.02
C ILE A 329 12.66 38.55 -19.98
N ALA A 330 11.81 37.56 -20.25
CA ALA A 330 10.37 37.75 -20.18
C ALA A 330 9.89 38.01 -18.75
N GLN A 331 10.72 37.74 -17.74
CA GLN A 331 10.34 38.03 -16.37
C GLN A 331 10.50 39.49 -16.00
N THR A 332 11.36 40.21 -16.72
CA THR A 332 11.51 41.65 -16.48
C THR A 332 10.33 42.44 -17.04
N LYS A 333 9.59 41.86 -17.94
CA LYS A 333 8.43 42.54 -18.50
C LYS A 333 7.24 42.47 -17.57
N ASN B 23 5.22 -8.46 13.38
CA ASN B 23 4.02 -7.68 13.59
C ASN B 23 4.24 -6.55 14.57
N LEU B 24 4.04 -5.32 14.11
CA LEU B 24 4.15 -4.16 15.01
C LEU B 24 3.02 -3.23 14.59
N ASP B 25 2.89 -2.11 15.28
CA ASP B 25 1.77 -1.22 15.01
C ASP B 25 2.04 -0.28 13.87
N THR B 26 3.18 0.39 13.89
CA THR B 26 3.57 1.39 12.90
C THR B 26 2.45 2.41 12.64
N SER B 27 1.47 2.52 13.54
CA SER B 27 0.53 3.64 13.46
C SER B 27 1.18 4.94 13.94
N ILE B 28 2.15 4.84 14.83
CA ILE B 28 2.90 5.98 15.34
C ILE B 28 4.37 5.58 15.35
N VAL B 29 5.19 6.34 14.62
CA VAL B 29 6.60 6.02 14.40
C VAL B 29 7.46 7.11 15.01
N VAL B 30 8.47 6.72 15.76
CA VAL B 30 9.41 7.63 16.40
C VAL B 30 10.76 7.45 15.71
N VAL B 31 11.19 8.47 14.97
CA VAL B 31 12.47 8.44 14.28
C VAL B 31 13.55 8.94 15.24
N GLY B 32 14.41 8.03 15.68
CA GLY B 32 15.47 8.40 16.59
C GLY B 32 16.09 7.16 17.22
N SER B 33 17.12 7.41 18.02
CA SER B 33 17.85 6.36 18.71
C SER B 33 17.20 6.02 20.05
N PRO B 34 17.22 4.75 20.44
CA PRO B 34 16.74 4.41 21.79
C PRO B 34 17.61 4.99 22.89
N ASP B 35 18.88 5.29 22.60
CA ASP B 35 19.77 5.89 23.58
C ASP B 35 19.43 7.35 23.88
N ASP B 36 18.46 7.92 23.17
CA ASP B 36 18.13 9.33 23.31
C ASP B 36 17.03 9.51 24.36
N LEU B 37 17.27 10.43 25.31
CA LEU B 37 16.32 10.64 26.40
C LEU B 37 14.95 11.08 25.90
N HIS B 38 14.90 11.83 24.81
CA HIS B 38 13.63 12.37 24.32
C HIS B 38 12.83 11.27 23.65
N VAL B 39 13.51 10.43 22.87
CA VAL B 39 12.82 9.35 22.23
C VAL B 39 12.27 8.52 23.35
N GLN B 40 13.03 8.41 24.44
CA GLN B 40 12.58 7.60 25.55
C GLN B 40 11.38 8.20 26.21
N SER B 41 11.41 9.48 26.52
CA SER B 41 10.24 10.08 27.09
C SER B 41 9.05 9.91 26.21
N VAL B 42 9.20 10.22 24.94
CA VAL B 42 8.07 10.14 24.03
C VAL B 42 7.59 8.71 23.89
N THR B 43 8.50 7.75 23.80
CA THR B 43 8.07 6.36 23.75
C THR B 43 7.40 5.95 25.04
N GLU B 44 7.98 6.27 26.18
CA GLU B 44 7.41 5.85 27.43
C GLU B 44 6.06 6.49 27.61
N GLY B 45 5.95 7.75 27.27
CA GLY B 45 4.71 8.45 27.41
C GLY B 45 3.66 7.93 26.46
N LEU B 46 4.09 7.45 25.32
CA LEU B 46 3.16 6.94 24.37
C LEU B 46 2.74 5.60 24.87
N ARG B 47 3.70 4.84 25.36
CA ARG B 47 3.41 3.50 25.85
C ARG B 47 2.38 3.58 26.96
N ALA B 48 2.55 4.54 27.85
CA ALA B 48 1.63 4.71 28.92
C ALA B 48 0.24 5.02 28.43
N ARG B 49 0.15 5.81 27.38
CA ARG B 49 -1.15 6.24 26.90
C ARG B 49 -1.90 5.15 26.20
N GLY B 50 -1.23 4.07 25.87
CA GLY B 50 -1.92 2.95 25.27
C GLY B 50 -1.41 2.65 23.88
N HIS B 51 -0.65 3.56 23.33
CA HIS B 51 -0.19 3.38 21.98
C HIS B 51 1.27 2.98 21.96
N GLU B 52 1.55 1.71 21.73
CA GLU B 52 2.92 1.28 21.60
C GLU B 52 3.48 1.79 20.26
N PRO B 53 4.63 2.52 20.27
CA PRO B 53 5.05 2.98 18.95
C PRO B 53 6.05 2.10 18.23
N TYR B 54 6.53 2.54 17.08
CA TYR B 54 7.57 1.82 16.38
C TYR B 54 8.76 2.73 16.57
N VAL B 55 9.95 2.18 16.71
CA VAL B 55 11.11 3.02 16.80
C VAL B 55 12.01 2.89 15.61
N PHE B 56 11.87 3.79 14.64
CA PHE B 56 12.73 3.79 13.50
C PHE B 56 14.06 4.31 13.99
N ASP B 57 14.96 3.41 14.30
CA ASP B 57 16.29 3.75 14.80
C ASP B 57 17.24 3.81 13.61
N THR B 58 17.17 4.93 12.89
CA THR B 58 17.92 5.06 11.63
C THR B 58 19.43 5.10 11.83
N GLN B 59 19.92 5.18 13.06
CA GLN B 59 21.34 5.04 13.29
C GLN B 59 21.83 3.66 12.86
N ARG B 60 20.94 2.68 12.77
CA ARG B 60 21.29 1.32 12.36
C ARG B 60 21.25 1.10 10.85
N PHE B 61 20.92 2.13 10.06
CA PHE B 61 20.35 1.88 8.74
C PHE B 61 21.22 0.99 7.84
N PRO B 62 22.43 1.40 7.44
CA PRO B 62 23.13 0.57 6.44
C PRO B 62 23.65 -0.74 7.03
N GLU B 63 24.44 -0.64 8.09
CA GLU B 63 25.20 -1.79 8.57
C GLU B 63 24.30 -2.84 9.22
N GLU B 64 23.23 -2.40 9.88
CA GLU B 64 22.40 -3.33 10.61
C GLU B 64 21.01 -3.52 10.03
N MET B 65 20.13 -2.53 10.16
CA MET B 65 18.77 -2.73 9.67
C MET B 65 18.73 -2.66 8.14
N THR B 66 17.56 -2.92 7.57
CA THR B 66 17.39 -2.84 6.13
C THR B 66 16.10 -2.10 5.81
N VAL B 67 16.16 -1.20 4.83
CA VAL B 67 14.97 -0.62 4.23
C VAL B 67 15.04 -0.83 2.72
N SER B 68 13.87 -1.04 2.12
CA SER B 68 13.74 -1.25 0.69
C SER B 68 12.58 -0.41 0.20
N LEU B 69 12.82 0.39 -0.84
CA LEU B 69 11.79 1.21 -1.46
C LEU B 69 11.50 0.72 -2.87
N GLY B 70 10.22 0.57 -3.19
CA GLY B 70 9.80 0.28 -4.54
C GLY B 70 9.36 1.58 -5.23
N GLU B 71 9.00 1.50 -6.49
CA GLU B 71 8.56 2.67 -7.23
C GLU B 71 7.21 3.14 -6.81
N GLN B 72 6.45 2.29 -6.15
CA GLN B 72 5.16 2.69 -5.65
C GLN B 72 5.38 3.24 -4.29
N GLY B 73 4.92 4.43 -4.02
CA GLY B 73 5.16 5.10 -2.75
C GLY B 73 4.86 4.27 -1.51
N ALA B 74 3.98 3.27 -1.65
CA ALA B 74 3.63 2.41 -0.53
C ALA B 74 4.66 1.33 -0.28
N SER B 75 5.49 0.99 -1.28
CA SER B 75 6.45 -0.09 -1.16
C SER B 75 7.66 0.31 -0.30
N ILE B 76 7.38 0.51 0.98
CA ILE B 76 8.40 0.87 1.98
C ILE B 76 8.49 -0.30 2.94
N PHE B 77 9.66 -0.94 2.98
CA PHE B 77 9.84 -2.17 3.76
C PHE B 77 11.04 -1.99 4.69
N VAL B 78 10.76 -1.92 5.99
CA VAL B 78 11.80 -1.77 7.02
C VAL B 78 11.98 -3.12 7.71
N ASP B 79 13.18 -3.69 7.60
CA ASP B 79 13.50 -4.99 8.19
C ASP B 79 12.52 -6.08 7.74
N GLY B 80 12.03 -5.97 6.52
CA GLY B 80 11.14 -6.96 5.96
C GLY B 80 9.66 -6.66 6.12
N GLN B 81 9.30 -5.74 7.01
CA GLN B 81 7.91 -5.42 7.29
C GLN B 81 7.49 -4.16 6.55
N GLN B 82 6.42 -4.25 5.77
CA GLN B 82 5.94 -3.10 5.01
C GLN B 82 5.41 -2.03 5.95
N ILE B 83 5.94 -0.81 5.83
CA ILE B 83 5.46 0.31 6.61
C ILE B 83 5.10 1.47 5.69
N ALA B 84 4.03 1.33 4.93
CA ALA B 84 3.47 2.45 4.20
C ALA B 84 2.55 3.25 5.10
N ARG B 85 2.56 4.55 4.96
CA ARG B 85 1.60 5.37 5.69
C ARG B 85 1.40 5.25 7.20
N PRO B 86 2.40 5.63 8.03
CA PRO B 86 2.05 5.76 9.45
C PRO B 86 1.10 6.92 9.65
N ALA B 87 0.37 6.89 10.77
CA ALA B 87 -0.57 7.97 11.05
C ALA B 87 0.14 9.24 11.52
N ALA B 88 1.25 9.08 12.24
CA ALA B 88 1.98 10.24 12.74
C ALA B 88 3.42 9.84 13.02
N VAL B 89 4.33 10.81 12.89
CA VAL B 89 5.75 10.59 13.10
C VAL B 89 6.30 11.72 13.97
N TYR B 90 7.07 11.36 14.99
CA TYR B 90 7.88 12.29 15.76
C TYR B 90 9.32 12.18 15.27
N LEU B 91 9.78 13.24 14.61
CA LEU B 91 11.13 13.24 14.04
C LEU B 91 12.13 13.87 15.02
N ARG B 92 13.08 13.07 15.51
CA ARG B 92 14.13 13.61 16.37
C ARG B 92 15.40 13.71 15.58
N SER B 93 16.06 12.59 15.34
CA SER B 93 17.32 12.58 14.58
C SER B 93 17.25 11.70 13.35
N LEU B 94 18.05 12.04 12.34
CA LEU B 94 18.05 11.23 11.11
C LEU B 94 19.45 10.75 10.74
N TYR B 95 20.41 11.67 10.69
CA TYR B 95 21.77 11.30 10.35
C TYR B 95 22.37 10.36 11.38
N ASP B 104 31.67 8.13 13.42
CA ASP B 104 33.08 7.92 13.13
C ASP B 104 33.38 7.92 11.65
N ALA B 105 34.24 8.83 11.21
CA ALA B 105 34.57 8.92 9.82
C ALA B 105 35.96 9.36 9.59
N ASP B 106 36.70 9.76 10.61
CA ASP B 106 38.02 10.31 10.34
C ASP B 106 38.96 9.37 9.63
N LYS B 107 38.73 8.07 9.76
CA LYS B 107 39.59 7.10 9.11
C LYS B 107 39.28 7.13 7.66
N ALA B 108 38.08 7.53 7.31
CA ALA B 108 37.68 7.45 5.92
C ALA B 108 37.80 8.73 5.19
N MET B 109 37.69 9.85 5.89
CA MET B 109 37.72 11.10 5.20
C MET B 109 39.15 11.51 4.98
N GLN B 110 40.05 11.04 5.83
CA GLN B 110 41.43 11.46 5.68
C GLN B 110 42.05 10.55 4.67
N ASP B 111 41.28 9.59 4.23
CA ASP B 111 41.71 8.67 3.18
C ASP B 111 41.00 8.97 1.86
N ASN B 112 39.69 9.17 1.90
CA ASN B 112 38.92 9.53 0.71
C ASN B 112 37.67 10.28 1.17
N TRP B 113 37.74 11.61 1.16
CA TRP B 113 36.64 12.42 1.66
C TRP B 113 35.51 12.53 0.65
N ARG B 114 35.83 12.63 -0.65
CA ARG B 114 34.80 12.68 -1.67
C ARG B 114 33.93 11.43 -1.62
N ARG B 115 34.53 10.26 -1.52
CA ARG B 115 33.76 9.03 -1.50
C ARG B 115 32.96 8.96 -0.25
N THR B 116 33.55 9.26 0.89
CA THR B 116 32.83 9.15 2.16
C THR B 116 31.63 10.10 2.21
N LEU B 117 31.81 11.34 1.75
CA LEU B 117 30.68 12.25 1.64
C LEU B 117 29.60 11.70 0.72
N LEU B 118 29.99 11.13 -0.43
CA LEU B 118 29.01 10.54 -1.32
C LEU B 118 28.27 9.35 -0.69
N ALA B 119 29.00 8.52 0.06
CA ALA B 119 28.36 7.39 0.73
C ALA B 119 27.35 7.85 1.76
N PHE B 120 27.69 8.86 2.52
CA PHE B 120 26.77 9.34 3.49
C PHE B 120 25.58 9.97 2.79
N ARG B 121 25.78 10.58 1.63
CA ARG B 121 24.65 11.13 0.89
C ARG B 121 23.72 10.02 0.39
N GLU B 122 24.27 8.88 -0.02
CA GLU B 122 23.43 7.74 -0.39
C GLU B 122 22.54 7.31 0.78
N ARG B 123 23.11 7.15 1.94
CA ARG B 123 22.28 6.75 3.05
C ARG B 123 21.24 7.79 3.35
N SER B 124 21.66 9.02 3.53
CA SER B 124 20.71 10.06 3.92
C SER B 124 19.62 10.22 2.87
N THR B 125 19.94 10.02 1.60
CA THR B 125 18.94 10.16 0.56
C THR B 125 17.85 9.11 0.73
N LEU B 126 18.25 7.86 0.97
CA LEU B 126 17.24 6.82 1.18
C LEU B 126 16.37 7.14 2.40
N MET B 127 16.97 7.61 3.48
CA MET B 127 16.18 7.85 4.69
C MET B 127 15.26 9.03 4.50
N SER B 128 15.76 10.12 3.97
CA SER B 128 14.94 11.29 3.78
C SER B 128 13.79 10.97 2.90
N ALA B 129 13.95 9.95 2.09
CA ALA B 129 12.89 9.64 1.16
C ALA B 129 11.78 8.98 1.89
N VAL B 130 12.12 8.04 2.75
CA VAL B 130 11.11 7.37 3.53
C VAL B 130 10.29 8.44 4.16
N LEU B 131 10.96 9.43 4.76
CA LEU B 131 10.15 10.45 5.46
C LEU B 131 9.26 11.22 4.50
N LEU B 132 9.82 11.65 3.35
CA LEU B 132 9.04 12.41 2.39
C LEU B 132 7.88 11.58 1.81
N ARG B 133 8.12 10.30 1.57
CA ARG B 133 7.06 9.41 1.09
C ARG B 133 5.92 9.34 2.09
N TRP B 134 6.25 9.11 3.36
CA TRP B 134 5.21 9.11 4.39
C TRP B 134 4.42 10.41 4.37
N GLU B 135 5.12 11.55 4.29
CA GLU B 135 4.43 12.84 4.36
C GLU B 135 3.50 13.02 3.16
N GLU B 136 3.86 12.50 2.00
CA GLU B 136 3.04 12.71 0.82
C GLU B 136 1.80 11.87 0.93
N ALA B 137 1.95 10.70 1.55
CA ALA B 137 0.83 9.76 1.66
C ALA B 137 -0.25 10.13 2.68
N GLY B 138 0.04 11.07 3.58
CA GLY B 138 -0.94 11.46 4.58
C GLY B 138 -0.42 11.53 5.98
N THR B 139 0.80 11.08 6.16
CA THR B 139 1.37 11.05 7.48
C THR B 139 1.62 12.40 8.06
N ALA B 140 1.07 12.64 9.22
CA ALA B 140 1.38 13.88 9.94
C ALA B 140 2.74 13.71 10.60
N VAL B 141 3.78 14.16 9.91
CA VAL B 141 5.14 14.15 10.46
C VAL B 141 5.29 15.36 11.35
N TYR B 142 5.58 15.13 12.62
CA TYR B 142 5.73 16.26 13.55
C TYR B 142 7.14 16.77 13.32
N ASN B 143 7.20 17.89 12.60
CA ASN B 143 8.40 18.55 12.06
C ASN B 143 8.92 17.81 10.83
N SER B 144 8.27 18.09 9.71
CA SER B 144 8.68 17.51 8.43
C SER B 144 9.98 18.16 7.96
N PRO B 145 10.89 17.38 7.37
CA PRO B 145 12.15 17.97 6.87
C PRO B 145 11.96 19.06 5.82
N ARG B 146 10.81 19.10 5.13
CA ARG B 146 10.51 20.21 4.22
C ARG B 146 10.60 21.56 4.91
N ALA B 147 10.44 21.59 6.24
CA ALA B 147 10.51 22.87 6.96
C ALA B 147 11.92 23.46 6.96
N SER B 148 12.94 22.64 6.70
CA SER B 148 14.32 23.12 6.76
C SER B 148 14.51 24.38 5.92
N ALA B 149 13.91 24.43 4.73
CA ALA B 149 13.98 25.61 3.88
C ALA B 149 13.53 26.86 4.63
N ASN B 150 12.31 26.81 5.18
CA ASN B 150 11.80 27.95 5.92
C ASN B 150 12.55 28.21 7.21
N ILE B 151 13.37 27.26 7.65
CA ILE B 151 14.03 27.37 8.95
C ILE B 151 15.40 28.05 8.90
N THR B 152 16.02 28.17 7.72
CA THR B 152 17.30 28.85 7.58
C THR B 152 17.14 30.23 8.21
N LYS B 153 17.78 30.45 9.35
CA LYS B 153 17.54 31.68 10.13
C LYS B 153 17.62 33.04 9.44
N PRO B 154 18.70 33.32 8.68
CA PRO B 154 18.65 34.65 8.03
C PRO B 154 17.48 34.82 7.08
N PHE B 155 16.82 33.73 6.69
CA PHE B 155 15.56 33.79 5.98
C PHE B 155 14.36 33.62 6.90
N GLN B 156 14.50 32.90 8.00
CA GLN B 156 13.39 32.64 8.89
C GLN B 156 12.94 33.95 9.53
N LEU B 157 13.89 34.76 10.00
CA LEU B 157 13.48 36.00 10.66
C LEU B 157 12.91 37.00 9.67
N ALA B 158 13.39 36.98 8.42
CA ALA B 158 12.77 37.81 7.39
C ALA B 158 11.36 37.33 7.06
N LEU B 159 11.13 36.01 7.10
CA LEU B 159 9.79 35.47 6.90
C LEU B 159 8.86 35.92 8.02
N LEU B 160 9.36 35.93 9.26
CA LEU B 160 8.54 36.38 10.38
C LEU B 160 8.24 37.87 10.26
N ARG B 161 9.25 38.69 10.03
CA ARG B 161 9.06 40.14 9.93
C ARG B 161 8.16 40.50 8.80
N ASP B 162 8.54 40.12 7.59
CA ASP B 162 7.78 40.48 6.41
C ASP B 162 6.34 40.00 6.47
N ALA B 163 5.98 39.16 7.44
CA ALA B 163 4.60 38.78 7.68
C ALA B 163 4.03 39.45 8.93
N GLY B 164 4.64 40.56 9.36
CA GLY B 164 4.09 41.36 10.44
C GLY B 164 4.38 40.87 11.84
N LEU B 165 5.42 40.08 12.03
CA LEU B 165 5.61 39.67 13.42
C LEU B 165 6.76 40.45 14.05
N PRO B 166 6.69 40.70 15.36
CA PRO B 166 7.79 41.44 16.03
C PRO B 166 9.07 40.62 16.10
N VAL B 167 10.11 41.07 15.39
CA VAL B 167 11.41 40.42 15.42
C VAL B 167 12.44 41.46 15.83
N PRO B 168 13.57 41.08 16.41
CA PRO B 168 14.60 42.07 16.73
C PRO B 168 15.25 42.61 15.47
N ARG B 169 15.69 43.86 15.56
CA ARG B 169 16.42 44.44 14.46
C ARG B 169 17.60 43.54 14.37
N SER B 170 17.95 43.14 13.17
CA SER B 170 19.01 42.16 12.97
C SER B 170 19.88 42.51 11.77
N LEU B 171 21.08 41.94 11.76
CA LEU B 171 22.05 42.16 10.68
C LEU B 171 22.96 40.95 10.59
N TRP B 172 22.88 40.24 9.47
CA TRP B 172 23.84 39.19 9.13
C TRP B 172 24.82 39.78 8.12
N THR B 173 26.11 39.76 8.44
CA THR B 173 27.05 40.44 7.56
C THR B 173 28.46 39.92 7.77
N ASN B 174 29.29 40.16 6.75
CA ASN B 174 30.74 40.12 6.87
C ASN B 174 31.36 41.47 6.51
N ASP B 175 30.57 42.55 6.62
CA ASP B 175 30.96 43.89 6.21
C ASP B 175 31.15 44.76 7.45
N PRO B 176 32.39 45.10 7.82
CA PRO B 176 32.60 45.88 9.06
C PRO B 176 31.92 47.25 9.05
N GLU B 177 31.84 47.90 7.89
CA GLU B 177 31.13 49.17 7.82
C GLU B 177 29.65 48.99 8.09
N ALA B 178 29.07 47.90 7.61
CA ALA B 178 27.67 47.60 7.88
C ALA B 178 27.39 47.47 9.36
N VAL B 179 28.29 46.82 10.11
CA VAL B 179 28.04 46.64 11.54
C VAL B 179 28.30 47.93 12.30
N ARG B 180 29.27 48.74 11.87
CA ARG B 180 29.42 50.07 12.48
C ARG B 180 28.15 50.90 12.32
N ARG B 181 27.49 50.90 11.19
CA ARG B 181 26.31 51.72 11.10
C ARG B 181 25.14 51.06 11.78
N PHE B 182 25.08 49.73 11.75
CA PHE B 182 24.00 49.08 12.49
C PHE B 182 24.07 49.40 13.97
N HIS B 183 25.27 49.44 14.55
CA HIS B 183 25.38 49.82 15.95
C HIS B 183 24.94 51.24 16.06
N ALA B 184 25.53 52.11 15.23
CA ALA B 184 25.20 53.51 15.35
C ALA B 184 23.69 53.75 15.27
N GLU B 185 22.98 52.92 14.53
CA GLU B 185 21.54 53.15 14.37
C GLU B 185 20.70 52.55 15.50
N VAL B 186 21.05 51.36 15.98
CA VAL B 186 20.20 50.69 16.96
C VAL B 186 20.67 50.88 18.41
N GLY B 187 21.96 51.18 18.61
CA GLY B 187 22.48 51.35 19.95
C GLY B 187 23.31 50.18 20.42
N ASP B 188 23.28 49.89 21.71
CA ASP B 188 23.97 48.72 22.20
C ASP B 188 23.30 47.53 21.55
N CYS B 189 24.07 46.52 21.22
CA CYS B 189 23.53 45.35 20.53
C CYS B 189 24.37 44.13 20.92
N ILE B 190 23.92 42.96 20.45
CA ILE B 190 24.54 41.69 20.78
C ILE B 190 24.89 40.97 19.48
N TYR B 191 25.71 39.94 19.64
CA TYR B 191 26.08 39.14 18.51
C TYR B 191 25.85 37.73 18.88
N LYS B 192 25.17 37.01 18.02
CA LYS B 192 24.94 35.61 18.24
C LYS B 192 25.56 34.95 17.00
N PRO B 193 25.91 33.68 17.10
CA PRO B 193 26.48 32.99 15.95
C PRO B 193 25.59 32.96 14.74
N VAL B 194 26.16 32.83 13.55
CA VAL B 194 25.38 32.83 12.33
C VAL B 194 24.41 31.72 12.49
N ALA B 195 24.89 30.54 12.89
CA ALA B 195 23.97 29.46 13.23
C ALA B 195 24.62 28.61 14.31
N GLY B 196 23.82 27.79 14.97
CA GLY B 196 24.36 26.84 15.93
C GLY B 196 24.48 27.36 17.34
N GLY B 197 25.56 26.99 18.03
CA GLY B 197 25.65 27.20 19.46
C GLY B 197 26.87 27.96 19.96
N ALA B 198 26.61 29.12 20.56
CA ALA B 198 27.60 29.90 21.31
C ALA B 198 26.83 30.94 22.11
N ARG B 199 27.31 31.24 23.31
CA ARG B 199 26.62 32.18 24.18
C ARG B 199 26.49 33.54 23.49
N THR B 200 25.31 34.13 23.60
CA THR B 200 25.10 35.49 23.12
C THR B 200 25.96 36.45 23.92
N ARG B 201 26.68 37.31 23.21
CA ARG B 201 27.60 38.26 23.83
C ARG B 201 27.23 39.68 23.41
N LYS B 202 27.61 40.64 24.25
CA LYS B 202 27.30 42.04 24.00
C LYS B 202 28.45 42.71 23.25
N LEU B 203 28.09 43.43 22.18
CA LEU B 203 29.05 44.20 21.42
C LEU B 203 29.44 45.44 22.21
N GLU B 204 30.71 45.54 22.59
CA GLU B 204 31.21 46.66 23.37
C GLU B 204 32.08 47.55 22.48
N ALA B 205 32.21 48.81 22.89
CA ALA B 205 32.92 49.79 22.07
C ALA B 205 34.30 49.30 21.65
N LYS B 206 34.99 48.59 22.56
CA LYS B 206 36.29 48.01 22.24
C LYS B 206 36.22 47.09 21.02
N ASP B 207 35.08 46.46 20.78
CA ASP B 207 34.96 45.54 19.65
C ASP B 207 34.83 46.26 18.32
N LEU B 208 34.47 47.55 18.33
CA LEU B 208 34.25 48.27 17.08
C LEU B 208 35.53 48.84 16.49
N GLU B 209 36.64 48.78 17.22
CA GLU B 209 37.89 49.27 16.68
C GLU B 209 38.27 48.48 15.43
N ALA B 210 39.13 49.08 14.61
CA ALA B 210 39.56 48.44 13.37
C ALA B 210 40.06 47.01 13.61
N ASP B 211 40.93 46.84 14.60
CA ASP B 211 41.53 45.54 14.87
C ASP B 211 40.49 44.51 15.28
N ARG B 212 39.60 44.86 16.21
CA ARG B 212 38.61 43.91 16.71
C ARG B 212 37.46 43.70 15.73
N ILE B 213 37.03 44.76 15.04
CA ILE B 213 35.89 44.64 14.12
C ILE B 213 36.30 43.91 12.86
N GLU B 214 37.56 44.00 12.45
CA GLU B 214 37.94 43.37 11.18
C GLU B 214 38.00 41.87 11.25
N ARG B 215 37.77 41.29 12.43
CA ARG B 215 37.80 39.85 12.46
C ARG B 215 36.64 39.24 11.70
N LEU B 216 35.55 40.00 11.55
CA LEU B 216 34.41 39.48 10.80
C LEU B 216 34.58 39.60 9.28
N SER B 217 35.77 40.01 8.80
CA SER B 217 36.01 40.02 7.36
C SER B 217 35.87 38.64 6.74
N ALA B 218 36.00 37.58 7.55
CA ALA B 218 35.71 36.23 7.09
C ALA B 218 34.99 35.41 8.15
N ALA B 219 34.50 36.03 9.22
CA ALA B 219 33.83 35.34 10.32
C ALA B 219 32.48 36.00 10.54
N PRO B 220 31.49 35.66 9.70
CA PRO B 220 30.16 36.28 9.86
C PRO B 220 29.46 35.79 11.11
N VAL B 221 28.89 36.73 11.86
CA VAL B 221 27.97 36.45 12.94
C VAL B 221 26.74 37.32 12.74
N CYS B 222 25.72 37.08 13.58
CA CYS B 222 24.47 37.82 13.50
C CYS B 222 24.40 38.82 14.64
N PHE B 223 24.26 40.10 14.29
CA PHE B 223 24.10 41.16 15.27
C PHE B 223 22.62 41.49 15.41
N GLN B 224 22.23 41.86 16.63
CA GLN B 224 20.82 42.08 16.95
C GLN B 224 20.70 43.16 18.02
N GLU B 225 19.68 44.00 17.92
CA GLU B 225 19.42 44.99 18.96
C GLU B 225 19.29 44.30 20.31
N LEU B 226 20.00 44.82 21.30
CA LEU B 226 19.99 44.21 22.63
C LEU B 226 18.63 44.43 23.27
N LEU B 227 17.92 43.34 23.52
CA LEU B 227 16.66 43.38 24.24
C LEU B 227 16.92 43.07 25.71
N THR B 228 16.22 43.78 26.59
CA THR B 228 16.49 43.73 28.02
C THR B 228 15.53 42.87 28.82
N GLY B 229 14.41 42.44 28.22
CA GLY B 229 13.44 41.66 28.94
C GLY B 229 13.90 40.24 29.23
N ASP B 230 12.97 39.38 29.62
CA ASP B 230 13.29 38.01 29.99
C ASP B 230 13.28 37.05 28.81
N ASP B 231 14.29 36.18 28.76
CA ASP B 231 14.30 35.08 27.81
C ASP B 231 13.19 34.11 28.16
N VAL B 232 12.18 34.01 27.29
CA VAL B 232 11.03 33.17 27.52
C VAL B 232 10.93 32.16 26.38
N ARG B 233 10.77 30.89 26.76
CA ARG B 233 10.64 29.83 25.79
C ARG B 233 9.20 29.40 25.76
N VAL B 234 8.62 29.30 24.57
CA VAL B 234 7.20 28.97 24.43
C VAL B 234 7.07 27.79 23.48
N TYR B 235 6.30 26.79 23.88
CA TYR B 235 6.10 25.57 23.09
C TYR B 235 4.75 25.61 22.40
N VAL B 236 4.73 25.27 21.11
CA VAL B 236 3.52 25.28 20.30
C VAL B 236 3.33 23.90 19.68
N ILE B 237 2.11 23.38 19.77
CA ILE B 237 1.71 22.10 19.19
C ILE B 237 0.32 22.26 18.59
N ASP B 238 0.21 22.11 17.27
CA ASP B 238 -1.08 22.08 16.57
C ASP B 238 -1.91 23.33 16.84
N ASP B 239 -1.28 24.50 16.68
CA ASP B 239 -1.94 25.81 16.77
C ASP B 239 -2.40 26.14 18.18
N GLN B 240 -1.70 25.59 19.16
CA GLN B 240 -2.02 25.86 20.55
C GLN B 240 -0.74 26.05 21.36
N VAL B 241 -0.68 27.08 22.20
CA VAL B 241 0.45 27.22 23.11
C VAL B 241 0.29 26.26 24.29
N ILE B 242 1.40 25.66 24.71
CA ILE B 242 1.39 24.72 25.83
C ILE B 242 1.83 25.39 27.12
N CYS B 243 2.93 26.15 27.09
CA CYS B 243 3.40 26.86 28.27
C CYS B 243 4.43 27.90 27.83
N ALA B 244 5.00 28.59 28.82
CA ALA B 244 6.00 29.63 28.60
C ALA B 244 6.76 29.82 29.91
N LEU B 245 8.08 29.76 29.80
CA LEU B 245 8.89 29.81 30.98
C LEU B 245 9.99 30.82 30.97
N ARG B 246 10.00 31.68 31.97
CA ARG B 246 11.03 32.68 32.06
C ARG B 246 12.28 32.07 32.57
N ILE B 247 13.28 31.96 31.72
CA ILE B 247 14.56 31.47 32.15
C ILE B 247 15.32 32.61 32.78
N VAL B 248 15.23 32.74 34.10
CA VAL B 248 15.87 33.84 34.79
C VAL B 248 17.05 33.37 35.63
N GLU B 258 23.76 26.67 37.88
CA GLU B 258 22.34 26.64 38.21
C GLU B 258 21.60 27.90 37.75
N GLU B 259 20.77 27.74 36.72
CA GLU B 259 19.77 28.72 36.34
C GLU B 259 18.40 28.21 36.74
N ARG B 260 17.48 29.13 36.97
CA ARG B 260 16.14 28.81 37.45
C ARG B 260 15.11 29.30 36.44
N ILE B 261 14.34 28.37 35.89
CA ILE B 261 13.30 28.71 34.93
C ILE B 261 11.93 28.48 35.52
N GLU B 262 11.03 29.43 35.30
CA GLU B 262 9.69 29.31 35.87
C GLU B 262 8.60 29.70 34.92
N ALA B 263 7.45 29.11 35.08
CA ALA B 263 6.36 29.36 34.18
C ALA B 263 5.76 30.72 34.24
N ILE B 264 5.67 31.40 33.11
CA ILE B 264 5.07 32.72 33.05
C ILE B 264 3.99 32.73 32.03
N GLU B 265 2.74 32.86 32.46
CA GLU B 265 1.64 32.99 31.53
C GLU B 265 1.79 34.30 30.78
N ILE B 266 1.34 34.30 29.52
CA ILE B 266 1.51 35.45 28.64
C ILE B 266 0.16 35.79 28.02
N SER B 267 0.12 36.94 27.35
CA SER B 267 -1.10 37.43 26.73
C SER B 267 -1.56 36.50 25.62
N ASP B 268 -2.82 36.61 25.24
CA ASP B 268 -3.36 35.79 24.16
C ASP B 268 -2.85 36.33 22.85
N GLU B 269 -2.42 37.57 22.87
CA GLU B 269 -1.89 38.20 21.68
C GLU B 269 -0.62 37.54 21.28
N VAL B 270 0.32 37.43 22.22
CA VAL B 270 1.61 36.87 21.86
C VAL B 270 1.40 35.42 21.57
N LYS B 271 0.46 34.78 22.24
CA LYS B 271 0.17 33.42 21.90
C LYS B 271 -0.29 33.36 20.45
N ASP B 272 -1.24 34.19 20.04
CA ASP B 272 -1.64 34.25 18.64
C ASP B 272 -0.42 34.43 17.74
N GLN B 273 0.46 35.37 18.10
CA GLN B 273 1.66 35.61 17.29
C GLN B 273 2.54 34.37 17.23
N CYS B 274 2.67 33.65 18.34
CA CYS B 274 3.50 32.45 18.36
C CYS B 274 2.93 31.39 17.41
N VAL B 275 1.64 31.07 17.53
CA VAL B 275 1.09 30.04 16.67
C VAL B 275 1.13 30.50 15.20
N ARG B 276 1.06 31.79 14.97
CA ARG B 276 1.16 32.25 13.62
C ARG B 276 2.55 31.96 13.11
N ALA B 277 3.55 32.33 13.88
CA ALA B 277 4.94 32.11 13.44
C ALA B 277 5.19 30.64 13.14
N ALA B 278 4.65 29.74 13.98
CA ALA B 278 4.85 28.32 13.75
C ALA B 278 4.14 27.85 12.49
N LYS B 279 2.98 28.45 12.17
CA LYS B 279 2.28 28.13 10.93
C LYS B 279 2.94 28.75 9.70
N LEU B 280 3.70 29.83 9.88
CA LEU B 280 4.51 30.38 8.79
C LEU B 280 5.70 29.50 8.48
N VAL B 281 6.49 29.17 9.51
CA VAL B 281 7.68 28.35 9.29
C VAL B 281 7.30 26.93 8.87
N GLY B 282 6.10 26.47 9.25
CA GLY B 282 5.65 25.15 8.86
C GLY B 282 6.07 24.07 9.83
N LEU B 283 5.98 24.39 11.12
CA LEU B 283 6.27 23.43 12.18
C LEU B 283 4.97 23.01 12.86
N ARG B 284 4.96 21.78 13.37
CA ARG B 284 3.79 21.30 14.10
C ARG B 284 4.11 21.29 15.60
N TYR B 285 5.35 21.03 15.99
CA TYR B 285 5.79 21.09 17.37
C TYR B 285 7.07 21.90 17.42
N THR B 286 7.03 23.06 18.07
CA THR B 286 8.18 23.95 18.11
C THR B 286 8.42 24.47 19.51
N GLY B 287 9.70 24.65 19.84
CA GLY B 287 10.11 25.33 21.05
C GLY B 287 10.79 26.64 20.71
N MET B 288 10.07 27.72 20.92
CA MET B 288 10.62 28.98 20.52
C MET B 288 11.24 29.81 21.59
N ASP B 289 12.20 30.62 21.21
CA ASP B 289 12.80 31.63 22.07
C ASP B 289 12.27 32.99 21.66
N ILE B 290 11.64 33.68 22.62
CA ILE B 290 11.18 35.07 22.47
C ILE B 290 11.77 35.87 23.61
N LYS B 291 12.08 37.15 23.34
CA LYS B 291 12.60 38.03 24.37
C LYS B 291 11.84 39.35 24.31
N ALA B 292 11.74 40.00 25.47
CA ALA B 292 10.98 41.24 25.58
C ALA B 292 11.90 42.44 25.47
N GLY B 293 11.44 43.47 24.79
CA GLY B 293 12.16 44.73 24.76
C GLY B 293 11.94 45.52 26.04
N ALA B 294 12.61 46.69 26.09
CA ALA B 294 12.47 47.56 27.25
C ALA B 294 11.03 48.04 27.40
N ASP B 295 10.27 48.08 26.31
CA ASP B 295 8.89 48.55 26.31
C ASP B 295 7.89 47.43 26.60
N GLY B 296 8.34 46.29 27.14
CA GLY B 296 7.43 45.25 27.55
C GLY B 296 6.78 44.45 26.43
N ASN B 297 7.18 44.67 25.19
CA ASN B 297 6.68 43.89 24.06
C ASN B 297 7.69 42.82 23.68
N TYR B 298 7.19 41.65 23.34
CA TYR B 298 8.04 40.51 23.03
C TYR B 298 8.41 40.51 21.55
N ARG B 299 9.62 40.02 21.27
CA ARG B 299 10.10 39.80 19.91
C ARG B 299 10.44 38.33 19.74
N VAL B 300 10.03 37.75 18.61
CA VAL B 300 10.39 36.37 18.30
C VAL B 300 11.88 36.33 17.98
N LEU B 301 12.61 35.48 18.69
CA LEU B 301 14.02 35.27 18.39
C LEU B 301 14.23 34.09 17.44
N GLU B 302 13.85 32.88 17.85
CA GLU B 302 14.07 31.77 16.92
C GLU B 302 13.17 30.58 17.26
N LEU B 303 12.66 29.96 16.20
CA LEU B 303 12.02 28.66 16.27
C LEU B 303 13.04 27.57 15.96
N ASN B 304 12.83 26.41 16.57
CA ASN B 304 13.77 25.33 16.42
C ASN B 304 13.15 24.14 15.73
N ALA B 305 13.89 23.47 14.85
CA ALA B 305 13.35 22.37 14.06
C ALA B 305 12.83 21.26 14.96
N SER B 306 13.57 20.93 16.02
CA SER B 306 13.12 19.93 16.99
C SER B 306 13.76 20.29 18.33
N ALA B 307 13.04 21.07 19.13
CA ALA B 307 13.55 21.58 20.38
C ALA B 307 13.53 20.51 21.47
N MET B 308 14.54 20.53 22.33
CA MET B 308 14.55 19.65 23.48
C MET B 308 13.64 20.15 24.59
N PHE B 309 13.26 19.25 25.49
CA PHE B 309 12.27 19.60 26.50
C PHE B 309 12.51 18.92 27.83
N ARG B 310 13.43 17.95 27.87
CA ARG B 310 13.71 17.24 29.12
C ARG B 310 14.34 18.17 30.15
N GLY B 311 15.32 18.97 29.73
CA GLY B 311 15.96 19.92 30.62
C GLY B 311 15.16 21.19 30.82
N PHE B 312 13.89 21.16 30.43
CA PHE B 312 12.98 22.28 30.61
C PHE B 312 11.75 21.93 31.43
N GLU B 313 11.18 20.74 31.24
CA GLU B 313 10.03 20.34 32.03
C GLU B 313 10.42 19.79 33.39
N GLY B 314 11.69 19.47 33.60
CA GLY B 314 12.23 19.08 34.89
C GLY B 314 12.84 20.21 35.68
N ARG B 315 12.72 21.45 35.19
CA ARG B 315 13.19 22.63 35.90
C ARG B 315 12.09 23.64 36.18
N ALA B 316 10.92 23.49 35.56
CA ALA B 316 9.79 24.37 35.82
C ALA B 316 8.50 23.60 36.11
N ASN B 317 8.54 22.29 36.25
CA ASN B 317 7.35 21.52 36.64
C ASN B 317 6.11 21.56 35.75
N VAL B 318 6.27 21.61 34.43
CA VAL B 318 5.13 21.50 33.54
C VAL B 318 5.36 20.26 32.68
N ASP B 319 4.33 19.88 31.91
CA ASP B 319 4.38 18.65 31.12
C ASP B 319 4.44 19.01 29.64
N ILE B 320 5.54 18.63 29.00
CA ILE B 320 5.72 18.86 27.57
C ILE B 320 5.44 17.59 26.78
N CYS B 321 6.04 16.47 27.20
CA CYS B 321 5.91 15.23 26.46
C CYS B 321 4.45 14.79 26.36
N GLY B 322 3.65 15.11 27.38
CA GLY B 322 2.27 14.71 27.44
C GLY B 322 1.44 15.22 26.28
N PRO B 323 1.31 16.55 26.15
CA PRO B 323 0.55 17.10 25.01
C PRO B 323 1.07 16.64 23.67
N LEU B 324 2.38 16.42 23.53
CA LEU B 324 2.95 15.92 22.29
C LEU B 324 2.39 14.54 21.95
N CYS B 325 2.48 13.62 22.91
CA CYS B 325 1.93 12.28 22.69
C CYS B 325 0.42 12.35 22.43
N ASP B 326 -0.27 13.26 23.12
CA ASP B 326 -1.70 13.45 22.87
C ASP B 326 -1.97 13.78 21.41
N ALA B 327 -1.14 14.67 20.84
CA ALA B 327 -1.31 15.04 19.44
C ALA B 327 -1.00 13.88 18.49
N LEU B 328 0.11 13.19 18.76
CA LEU B 328 0.49 12.06 17.91
C LEU B 328 -0.63 11.02 17.87
N ILE B 329 -1.23 10.73 19.02
CA ILE B 329 -2.35 9.80 19.07
C ILE B 329 -3.58 10.39 18.38
N ALA B 330 -3.84 11.69 18.59
CA ALA B 330 -5.01 12.31 18.01
C ALA B 330 -5.03 12.20 16.49
N GLN B 331 -3.87 12.06 15.87
CA GLN B 331 -3.91 12.01 14.42
C GLN B 331 -4.46 10.69 13.94
N THR B 332 -4.49 9.69 14.80
CA THR B 332 -4.94 8.37 14.37
C THR B 332 -6.45 8.28 14.18
N LYS B 333 -7.11 9.42 14.22
CA LYS B 333 -8.56 9.46 14.09
C LYS B 333 -8.88 10.26 12.86
N ARG B 334 -7.85 10.73 12.17
CA ARG B 334 -8.06 11.47 10.94
C ARG B 334 -7.93 10.54 9.76
N LEU C 24 -35.07 -36.39 19.78
CA LEU C 24 -33.68 -36.78 19.66
C LEU C 24 -32.71 -35.68 19.99
N ASP C 25 -31.50 -36.04 20.39
CA ASP C 25 -30.58 -35.01 20.86
C ASP C 25 -29.80 -34.35 19.81
N THR C 26 -29.96 -33.05 19.74
CA THR C 26 -29.26 -32.30 18.77
C THR C 26 -28.37 -31.42 19.57
N SER C 27 -27.95 -31.85 20.75
CA SER C 27 -27.01 -30.98 21.46
C SER C 27 -25.69 -30.91 20.72
N ILE C 28 -25.22 -32.04 20.20
CA ILE C 28 -23.99 -32.11 19.43
C ILE C 28 -24.30 -32.77 18.09
N VAL C 29 -23.92 -32.11 17.00
CA VAL C 29 -24.22 -32.57 15.65
C VAL C 29 -22.92 -32.84 14.91
N VAL C 30 -22.85 -33.97 14.22
CA VAL C 30 -21.73 -34.35 13.38
C VAL C 30 -22.22 -34.33 11.94
N VAL C 31 -21.63 -33.47 11.11
CA VAL C 31 -22.06 -33.31 9.72
C VAL C 31 -21.15 -34.17 8.85
N GLY C 32 -21.69 -35.25 8.33
CA GLY C 32 -20.93 -36.17 7.50
C GLY C 32 -21.63 -37.50 7.40
N SER C 33 -21.13 -38.31 6.48
CA SER C 33 -21.73 -39.63 6.30
C SER C 33 -21.22 -40.57 7.39
N PRO C 34 -22.09 -41.41 7.95
CA PRO C 34 -21.65 -42.34 9.00
C PRO C 34 -20.67 -43.39 8.50
N ASP C 35 -20.49 -43.52 7.17
CA ASP C 35 -19.49 -44.43 6.62
C ASP C 35 -18.08 -43.86 6.74
N ASP C 36 -17.95 -42.55 6.94
CA ASP C 36 -16.64 -41.91 7.03
C ASP C 36 -15.98 -42.31 8.36
N LEU C 37 -14.76 -42.81 8.27
CA LEU C 37 -14.06 -43.33 9.45
C LEU C 37 -13.96 -42.30 10.57
N HIS C 38 -13.82 -41.03 10.23
CA HIS C 38 -13.62 -40.00 11.25
C HIS C 38 -14.90 -39.49 11.78
N VAL C 39 -16.00 -40.02 11.28
CA VAL C 39 -17.26 -39.62 11.83
C VAL C 39 -17.52 -40.69 12.86
N GLN C 40 -17.27 -41.94 12.48
CA GLN C 40 -17.47 -43.01 13.41
C GLN C 40 -16.59 -42.72 14.56
N SER C 41 -15.34 -42.37 14.30
CA SER C 41 -14.45 -42.15 15.43
C SER C 41 -15.03 -41.15 16.42
N VAL C 42 -15.56 -40.03 15.90
CA VAL C 42 -16.00 -38.97 16.79
C VAL C 42 -17.32 -39.31 17.46
N THR C 43 -18.26 -39.94 16.74
CA THR C 43 -19.51 -40.36 17.38
C THR C 43 -19.23 -41.37 18.48
N GLU C 44 -18.26 -42.23 18.31
CA GLU C 44 -18.04 -43.18 19.36
C GLU C 44 -17.30 -42.55 20.49
N GLY C 45 -16.36 -41.67 20.19
CA GLY C 45 -15.71 -40.96 21.27
C GLY C 45 -16.67 -40.13 22.09
N LEU C 46 -17.75 -39.66 21.47
CA LEU C 46 -18.79 -38.95 22.20
C LEU C 46 -19.67 -39.91 22.99
N ARG C 47 -19.95 -41.10 22.47
CA ARG C 47 -20.69 -42.09 23.24
C ARG C 47 -19.91 -42.50 24.49
N ALA C 48 -18.59 -42.74 24.33
CA ALA C 48 -17.75 -43.14 25.46
C ALA C 48 -17.81 -42.11 26.58
N ARG C 49 -18.06 -40.84 26.24
CA ARG C 49 -18.18 -39.78 27.23
C ARG C 49 -19.63 -39.47 27.56
N GLY C 50 -20.58 -40.26 27.07
CA GLY C 50 -21.96 -40.17 27.49
C GLY C 50 -22.89 -39.38 26.60
N HIS C 51 -22.40 -38.81 25.51
CA HIS C 51 -23.23 -38.01 24.62
C HIS C 51 -23.50 -38.76 23.32
N GLU C 52 -24.76 -38.73 22.89
CA GLU C 52 -25.17 -39.34 21.63
C GLU C 52 -25.37 -38.25 20.59
N PRO C 53 -24.46 -38.07 19.65
CA PRO C 53 -24.60 -36.98 18.69
C PRO C 53 -25.62 -37.30 17.61
N TYR C 54 -26.23 -36.24 17.09
CA TYR C 54 -27.05 -36.37 15.89
C TYR C 54 -26.14 -36.34 14.67
N VAL C 55 -26.18 -37.39 13.87
CA VAL C 55 -25.42 -37.44 12.63
C VAL C 55 -26.26 -36.86 11.50
N PHE C 56 -25.75 -35.79 10.89
CA PHE C 56 -26.45 -35.04 9.84
C PHE C 56 -25.76 -35.34 8.51
N ASP C 57 -26.22 -36.41 7.86
CA ASP C 57 -25.69 -36.83 6.57
C ASP C 57 -26.40 -36.05 5.46
N THR C 58 -25.69 -35.10 4.86
CA THR C 58 -26.29 -34.32 3.77
C THR C 58 -26.46 -35.17 2.52
N GLN C 59 -25.64 -36.21 2.36
CA GLN C 59 -25.64 -36.99 1.13
C GLN C 59 -26.98 -37.67 0.90
N ARG C 60 -27.74 -37.94 1.95
CA ARG C 60 -29.05 -38.55 1.83
C ARG C 60 -30.16 -37.53 1.70
N PHE C 61 -29.86 -36.31 1.24
CA PHE C 61 -30.84 -35.24 1.31
C PHE C 61 -32.04 -35.46 0.39
N PRO C 62 -31.88 -35.55 -0.95
CA PRO C 62 -33.07 -35.48 -1.82
C PRO C 62 -34.15 -36.50 -1.49
N GLU C 63 -33.79 -37.78 -1.56
CA GLU C 63 -34.77 -38.87 -1.55
C GLU C 63 -34.76 -39.67 -0.25
N GLU C 64 -34.02 -39.24 0.78
CA GLU C 64 -33.99 -40.00 2.02
C GLU C 64 -33.96 -39.13 3.26
N MET C 65 -34.27 -37.84 3.15
CA MET C 65 -34.27 -36.93 4.28
C MET C 65 -35.10 -35.70 3.90
N THR C 66 -35.89 -35.21 4.85
CA THR C 66 -36.75 -34.06 4.60
C THR C 66 -36.25 -32.86 5.41
N VAL C 67 -35.95 -31.77 4.71
CA VAL C 67 -35.50 -30.53 5.34
C VAL C 67 -36.52 -29.46 5.00
N SER C 68 -36.90 -28.67 6.00
CA SER C 68 -37.84 -27.57 5.81
C SER C 68 -37.34 -26.35 6.56
N LEU C 69 -37.23 -25.23 5.87
CA LEU C 69 -36.77 -23.98 6.47
C LEU C 69 -37.83 -22.91 6.30
N GLY C 70 -38.15 -22.21 7.40
CA GLY C 70 -39.02 -21.06 7.38
C GLY C 70 -38.24 -19.78 7.23
N GLU C 71 -38.88 -18.66 7.59
CA GLU C 71 -38.24 -17.37 7.43
C GLU C 71 -37.45 -16.94 8.66
N GLN C 72 -37.78 -17.44 9.85
CA GLN C 72 -36.95 -17.21 11.02
C GLN C 72 -35.82 -18.22 11.04
N GLY C 73 -34.67 -17.77 11.55
CA GLY C 73 -33.52 -18.64 11.64
C GLY C 73 -33.81 -19.94 12.36
N ALA C 74 -34.59 -19.87 13.45
CA ALA C 74 -34.89 -21.04 14.25
C ALA C 74 -35.77 -22.06 13.53
N SER C 75 -36.36 -21.71 12.40
CA SER C 75 -37.33 -22.59 11.75
C SER C 75 -36.62 -23.56 10.81
N ILE C 76 -35.96 -24.55 11.42
CA ILE C 76 -35.26 -25.60 10.71
C ILE C 76 -35.84 -26.93 11.15
N PHE C 77 -36.16 -27.80 10.19
CA PHE C 77 -36.81 -29.07 10.49
C PHE C 77 -36.19 -30.16 9.62
N VAL C 78 -35.39 -31.04 10.23
CA VAL C 78 -34.75 -32.14 9.54
C VAL C 78 -35.51 -33.42 9.88
N ASP C 79 -36.04 -34.08 8.85
CA ASP C 79 -36.83 -35.30 9.02
C ASP C 79 -37.99 -35.09 10.01
N GLY C 80 -38.56 -33.89 9.98
CA GLY C 80 -39.70 -33.55 10.81
C GLY C 80 -39.36 -33.04 12.20
N GLN C 81 -38.09 -33.10 12.60
CA GLN C 81 -37.67 -32.67 13.93
C GLN C 81 -36.98 -31.31 13.86
N GLN C 82 -37.33 -30.42 14.78
CA GLN C 82 -36.76 -29.08 14.80
C GLN C 82 -35.36 -29.11 15.40
N ILE C 83 -34.41 -28.52 14.69
CA ILE C 83 -33.03 -28.36 15.15
C ILE C 83 -32.64 -26.90 14.99
N ALA C 84 -33.16 -26.05 15.88
CA ALA C 84 -32.98 -24.61 15.70
C ALA C 84 -31.55 -24.17 15.95
N ARG C 85 -30.91 -24.75 16.96
CA ARG C 85 -29.58 -24.30 17.35
C ARG C 85 -28.86 -25.38 18.16
N PRO C 86 -28.00 -26.17 17.55
CA PRO C 86 -27.17 -27.10 18.32
C PRO C 86 -26.12 -26.35 19.12
N ALA C 87 -25.60 -27.03 20.14
CA ALA C 87 -24.55 -26.42 20.95
C ALA C 87 -23.23 -26.41 20.21
N ALA C 88 -22.91 -27.48 19.51
CA ALA C 88 -21.65 -27.58 18.76
C ALA C 88 -21.86 -28.45 17.53
N VAL C 89 -21.18 -28.09 16.45
CA VAL C 89 -21.14 -28.88 15.23
C VAL C 89 -19.70 -29.28 14.95
N TYR C 90 -19.49 -30.56 14.69
CA TYR C 90 -18.25 -31.03 14.07
C TYR C 90 -18.56 -31.29 12.60
N LEU C 91 -17.95 -30.52 11.72
CA LEU C 91 -18.24 -30.57 10.28
C LEU C 91 -17.11 -31.31 9.59
N ARG C 92 -17.33 -32.60 9.33
CA ARG C 92 -16.39 -33.38 8.53
C ARG C 92 -16.47 -32.96 7.06
N SER C 93 -17.67 -32.96 6.49
CA SER C 93 -17.87 -32.59 5.10
C SER C 93 -19.35 -32.37 4.83
N LEU C 94 -19.65 -31.36 4.01
CA LEU C 94 -20.99 -31.19 3.47
C LEU C 94 -21.19 -31.88 2.13
N TYR C 95 -20.11 -32.34 1.50
CA TYR C 95 -20.14 -33.08 0.24
C TYR C 95 -20.82 -32.25 -0.86
N GLN C 96 -20.21 -31.09 -1.15
CA GLN C 96 -20.84 -30.11 -2.02
C GLN C 96 -20.53 -30.33 -3.50
N SER C 97 -19.37 -30.89 -3.83
CA SER C 97 -19.12 -31.20 -5.22
C SER C 97 -19.12 -32.71 -5.44
N PRO C 98 -19.48 -33.18 -6.63
CA PRO C 98 -19.41 -34.63 -6.90
C PRO C 98 -18.01 -35.19 -6.76
N GLY C 99 -16.98 -34.37 -6.99
CA GLY C 99 -15.61 -34.79 -6.80
C GLY C 99 -15.11 -34.74 -5.37
N ALA C 100 -16.00 -34.55 -4.40
CA ALA C 100 -15.59 -34.52 -3.00
C ALA C 100 -15.14 -35.90 -2.54
N TYR C 101 -14.45 -35.90 -1.40
CA TYR C 101 -13.76 -37.11 -0.94
C TYR C 101 -14.74 -38.26 -0.69
N GLY C 102 -15.80 -37.99 0.06
CA GLY C 102 -16.68 -39.07 0.48
C GLY C 102 -17.88 -39.34 -0.41
N VAL C 103 -17.80 -38.94 -1.69
CA VAL C 103 -18.94 -38.97 -2.60
C VAL C 103 -18.66 -39.93 -3.74
N ASP C 104 -19.63 -40.79 -4.03
CA ASP C 104 -19.65 -41.62 -5.24
C ASP C 104 -20.76 -41.05 -6.14
N ALA C 105 -20.36 -40.24 -7.12
CA ALA C 105 -21.28 -39.62 -8.06
C ALA C 105 -20.83 -39.86 -9.50
N ASP C 106 -20.11 -40.97 -9.74
CA ASP C 106 -19.46 -41.15 -11.04
C ASP C 106 -20.45 -41.49 -12.15
N LYS C 107 -21.36 -42.43 -11.91
CA LYS C 107 -22.36 -42.73 -12.93
C LYS C 107 -23.27 -41.53 -13.17
N ALA C 108 -23.63 -40.81 -12.09
CA ALA C 108 -24.42 -39.60 -12.22
C ALA C 108 -23.74 -38.59 -13.13
N MET C 109 -22.42 -38.46 -13.01
CA MET C 109 -21.69 -37.48 -13.80
C MET C 109 -21.49 -37.93 -15.23
N GLN C 110 -21.15 -39.21 -15.44
CA GLN C 110 -20.97 -39.71 -16.80
C GLN C 110 -22.28 -39.70 -17.59
N ASP C 111 -23.41 -39.91 -16.92
CA ASP C 111 -24.69 -39.93 -17.63
C ASP C 111 -25.12 -38.52 -18.03
N ASN C 112 -25.32 -37.64 -17.05
CA ASN C 112 -25.66 -36.24 -17.30
C ASN C 112 -24.92 -35.39 -16.27
N TRP C 113 -23.90 -34.66 -16.71
CA TRP C 113 -23.08 -33.93 -15.74
C TRP C 113 -23.71 -32.61 -15.32
N ARG C 114 -24.47 -31.97 -16.19
CA ARG C 114 -25.11 -30.70 -15.81
C ARG C 114 -26.22 -30.93 -14.79
N ARG C 115 -27.09 -31.92 -15.03
CA ARG C 115 -28.13 -32.26 -14.07
C ARG C 115 -27.53 -32.57 -12.70
N THR C 116 -26.43 -33.31 -12.69
CA THR C 116 -25.80 -33.69 -11.43
C THR C 116 -25.17 -32.48 -10.74
N LEU C 117 -24.50 -31.62 -11.51
CA LEU C 117 -23.92 -30.41 -10.92
C LEU C 117 -25.00 -29.53 -10.32
N LEU C 118 -26.13 -29.38 -11.02
CA LEU C 118 -27.21 -28.55 -10.51
C LEU C 118 -27.83 -29.16 -9.26
N ALA C 119 -28.00 -30.49 -9.23
CA ALA C 119 -28.52 -31.14 -8.03
C ALA C 119 -27.59 -30.91 -6.85
N PHE C 120 -26.29 -31.09 -7.05
CA PHE C 120 -25.33 -30.87 -5.98
C PHE C 120 -25.35 -29.43 -5.50
N ARG C 121 -25.44 -28.49 -6.42
CA ARG C 121 -25.49 -27.09 -6.05
C ARG C 121 -26.75 -26.73 -5.25
N GLU C 122 -27.91 -27.27 -5.63
CA GLU C 122 -29.13 -27.03 -4.87
C GLU C 122 -29.03 -27.60 -3.45
N ARG C 123 -28.54 -28.81 -3.32
CA ARG C 123 -28.37 -29.36 -1.99
C ARG C 123 -27.47 -28.46 -1.23
N SER C 124 -26.34 -28.10 -1.81
CA SER C 124 -25.36 -27.32 -1.06
C SER C 124 -25.95 -26.01 -0.58
N THR C 125 -26.75 -25.34 -1.42
CA THR C 125 -27.44 -24.14 -0.97
C THR C 125 -28.23 -24.41 0.29
N LEU C 126 -29.03 -25.48 0.28
CA LEU C 126 -29.89 -25.75 1.45
C LEU C 126 -29.09 -26.11 2.69
N MET C 127 -28.13 -27.04 2.56
CA MET C 127 -27.36 -27.47 3.72
C MET C 127 -26.49 -26.35 4.27
N SER C 128 -25.88 -25.55 3.38
CA SER C 128 -25.13 -24.39 3.80
C SER C 128 -26.02 -23.41 4.56
N ALA C 129 -27.26 -23.23 4.10
CA ALA C 129 -28.17 -22.35 4.81
C ALA C 129 -28.41 -22.86 6.23
N VAL C 130 -28.60 -24.18 6.38
CA VAL C 130 -28.79 -24.76 7.70
C VAL C 130 -27.58 -24.47 8.59
N LEU C 131 -26.38 -24.73 8.08
CA LEU C 131 -25.16 -24.52 8.88
C LEU C 131 -24.98 -23.05 9.24
N LEU C 132 -25.24 -22.14 8.31
CA LEU C 132 -25.08 -20.72 8.57
C LEU C 132 -26.12 -20.21 9.57
N ARG C 133 -27.35 -20.72 9.48
CA ARG C 133 -28.37 -20.37 10.47
C ARG C 133 -27.93 -20.81 11.86
N TRP C 134 -27.36 -22.01 11.96
CA TRP C 134 -26.85 -22.48 13.26
C TRP C 134 -25.75 -21.56 13.77
N GLU C 135 -24.78 -21.23 12.92
CA GLU C 135 -23.67 -20.39 13.37
C GLU C 135 -24.14 -19.01 13.79
N GLU C 136 -25.10 -18.43 13.05
CA GLU C 136 -25.67 -17.15 13.44
C GLU C 136 -26.41 -17.28 14.78
N ALA C 137 -27.11 -18.39 14.97
CA ALA C 137 -27.79 -18.67 16.23
C ALA C 137 -26.83 -18.90 17.39
N GLY C 138 -25.52 -18.97 17.13
CA GLY C 138 -24.53 -19.12 18.18
C GLY C 138 -23.89 -20.48 18.28
N THR C 139 -24.28 -21.42 17.42
CA THR C 139 -23.66 -22.74 17.43
C THR C 139 -22.15 -22.62 17.21
N ALA C 140 -21.38 -23.32 18.03
CA ALA C 140 -19.94 -23.40 17.88
C ALA C 140 -19.63 -24.45 16.82
N VAL C 141 -19.49 -24.00 15.57
CA VAL C 141 -19.19 -24.88 14.45
C VAL C 141 -17.69 -25.10 14.42
N TYR C 142 -17.28 -26.35 14.63
CA TYR C 142 -15.84 -26.65 14.63
C TYR C 142 -15.41 -26.76 13.19
N ASN C 143 -14.89 -25.62 12.71
CA ASN C 143 -14.59 -25.30 11.31
C ASN C 143 -15.88 -24.98 10.55
N SER C 144 -16.23 -23.69 10.55
CA SER C 144 -17.35 -23.08 9.87
C SER C 144 -17.09 -23.00 8.36
N PRO C 145 -18.12 -23.08 7.54
CA PRO C 145 -17.93 -22.95 6.08
C PRO C 145 -17.37 -21.61 5.67
N ARG C 146 -17.63 -20.55 6.45
CA ARG C 146 -17.16 -19.21 6.14
C ARG C 146 -15.64 -19.14 6.04
N ALA C 147 -14.93 -20.08 6.65
CA ALA C 147 -13.47 -20.09 6.57
C ALA C 147 -12.96 -20.47 5.19
N SER C 148 -13.82 -21.06 4.34
CA SER C 148 -13.38 -21.45 3.00
C SER C 148 -12.68 -20.31 2.28
N ALA C 149 -13.23 -19.10 2.38
CA ALA C 149 -12.61 -17.91 1.80
C ALA C 149 -11.16 -17.77 2.23
N ASN C 150 -10.91 -17.81 3.54
CA ASN C 150 -9.54 -17.69 4.02
C ASN C 150 -8.70 -18.91 3.72
N ILE C 151 -9.34 -20.05 3.45
CA ILE C 151 -8.58 -21.28 3.16
C ILE C 151 -8.01 -21.28 1.75
N THR C 152 -8.54 -20.42 0.86
CA THR C 152 -8.03 -20.24 -0.50
C THR C 152 -6.52 -20.13 -0.30
N LYS C 153 -5.77 -21.14 -0.72
CA LYS C 153 -4.34 -21.18 -0.40
C LYS C 153 -3.51 -19.99 -0.85
N PRO C 154 -3.55 -19.61 -2.15
CA PRO C 154 -2.72 -18.43 -2.46
C PRO C 154 -3.16 -17.16 -1.74
N PHE C 155 -4.28 -17.18 -1.01
CA PHE C 155 -4.61 -16.09 -0.10
C PHE C 155 -4.26 -16.40 1.33
N GLN C 156 -4.47 -17.65 1.76
CA GLN C 156 -4.12 -18.07 3.10
C GLN C 156 -2.64 -17.84 3.37
N LEU C 157 -1.79 -18.23 2.42
CA LEU C 157 -0.34 -18.10 2.63
C LEU C 157 0.07 -16.64 2.74
N ALA C 158 -0.57 -15.77 1.97
CA ALA C 158 -0.25 -14.34 2.05
C ALA C 158 -0.76 -13.74 3.34
N LEU C 159 -1.94 -14.15 3.80
CA LEU C 159 -2.43 -13.74 5.11
C LEU C 159 -1.40 -14.05 6.19
N LEU C 160 -0.88 -15.28 6.18
CA LEU C 160 0.12 -15.68 7.17
C LEU C 160 1.40 -14.85 7.04
N ARG C 161 1.95 -14.75 5.83
CA ARG C 161 3.20 -14.03 5.63
C ARG C 161 3.08 -12.55 6.00
N ASP C 162 2.01 -11.90 5.54
CA ASP C 162 1.78 -10.50 5.90
C ASP C 162 1.53 -10.32 7.39
N ALA C 163 1.17 -11.39 8.09
CA ALA C 163 1.08 -11.32 9.55
C ALA C 163 2.40 -11.63 10.25
N GLY C 164 3.47 -11.86 9.50
CA GLY C 164 4.77 -12.11 10.08
C GLY C 164 5.15 -13.56 10.26
N LEU C 165 4.27 -14.51 9.90
CA LEU C 165 4.56 -15.93 10.09
C LEU C 165 5.41 -16.45 8.94
N PRO C 166 6.32 -17.39 9.21
CA PRO C 166 7.22 -17.87 8.14
C PRO C 166 6.51 -18.86 7.22
N VAL C 167 6.58 -18.57 5.92
CA VAL C 167 6.01 -19.40 4.86
C VAL C 167 7.10 -19.65 3.82
N PRO C 168 6.91 -20.56 2.86
CA PRO C 168 7.95 -20.77 1.87
C PRO C 168 7.95 -19.70 0.80
N ARG C 169 9.11 -19.52 0.17
CA ARG C 169 9.21 -18.65 -1.00
C ARG C 169 8.39 -19.26 -2.13
N SER C 170 7.34 -18.56 -2.57
CA SER C 170 6.32 -19.16 -3.41
C SER C 170 6.08 -18.34 -4.68
N LEU C 171 5.57 -19.03 -5.70
CA LEU C 171 5.11 -18.41 -6.94
C LEU C 171 3.94 -19.24 -7.46
N TRP C 172 2.73 -18.71 -7.37
CA TRP C 172 1.56 -19.31 -8.00
C TRP C 172 1.44 -18.68 -9.39
N THR C 173 1.53 -19.49 -10.45
CA THR C 173 1.57 -18.83 -11.75
C THR C 173 1.16 -19.77 -12.87
N ASN C 174 0.92 -19.15 -14.04
CA ASN C 174 0.80 -19.79 -15.34
C ASN C 174 1.80 -19.22 -16.33
N ASP C 175 2.85 -18.55 -15.84
CA ASP C 175 3.85 -17.88 -16.67
C ASP C 175 5.14 -18.68 -16.65
N PRO C 176 5.44 -19.46 -17.69
CA PRO C 176 6.67 -20.28 -17.68
C PRO C 176 7.94 -19.47 -17.48
N GLU C 177 7.98 -18.24 -17.98
CA GLU C 177 9.17 -17.41 -17.81
C GLU C 177 9.34 -17.00 -16.35
N ALA C 178 8.23 -16.69 -15.67
CA ALA C 178 8.28 -16.46 -14.24
C ALA C 178 8.80 -17.67 -13.49
N VAL C 179 8.41 -18.88 -13.94
CA VAL C 179 8.87 -20.10 -13.30
C VAL C 179 10.37 -20.26 -13.50
N ARG C 180 10.85 -19.98 -14.71
CA ARG C 180 12.28 -20.13 -14.98
C ARG C 180 13.08 -19.17 -14.13
N ARG C 181 12.64 -17.92 -14.03
CA ARG C 181 13.36 -16.95 -13.19
C ARG C 181 13.34 -17.37 -11.73
N PHE C 182 12.16 -17.76 -11.23
CA PHE C 182 12.03 -18.18 -9.84
C PHE C 182 12.94 -19.36 -9.53
N HIS C 183 12.96 -20.37 -10.41
CA HIS C 183 13.82 -21.53 -10.22
C HIS C 183 15.29 -21.14 -10.27
N ALA C 184 15.65 -20.27 -11.21
CA ALA C 184 17.03 -19.82 -11.30
C ALA C 184 17.50 -19.16 -10.01
N GLU C 185 16.63 -18.39 -9.37
CA GLU C 185 17.06 -17.69 -8.16
C GLU C 185 16.96 -18.55 -6.92
N VAL C 186 16.00 -19.46 -6.85
CA VAL C 186 15.70 -20.17 -5.61
C VAL C 186 16.56 -21.43 -5.47
N GLY C 187 16.69 -22.20 -6.56
CA GLY C 187 17.34 -23.49 -6.47
C GLY C 187 16.35 -24.63 -6.64
N ASP C 188 16.55 -25.71 -5.90
CA ASP C 188 15.63 -26.84 -5.96
C ASP C 188 14.24 -26.38 -5.56
N CYS C 189 13.24 -26.75 -6.37
CA CYS C 189 11.87 -26.33 -6.16
C CYS C 189 10.93 -27.53 -6.16
N ILE C 190 9.74 -27.32 -5.62
CA ILE C 190 8.63 -28.26 -5.75
C ILE C 190 7.52 -27.56 -6.51
N TYR C 191 6.62 -28.36 -7.09
CA TYR C 191 5.36 -27.84 -7.59
C TYR C 191 4.23 -28.70 -7.04
N LYS C 192 3.07 -28.07 -6.87
CA LYS C 192 1.89 -28.70 -6.30
C LYS C 192 0.67 -27.95 -6.80
N PRO C 193 -0.52 -28.52 -6.63
CA PRO C 193 -1.73 -27.85 -7.11
C PRO C 193 -2.01 -26.57 -6.34
N VAL C 194 -2.60 -25.61 -7.06
CA VAL C 194 -3.02 -24.35 -6.45
C VAL C 194 -3.97 -24.60 -5.29
N ALA C 195 -5.07 -25.30 -5.56
CA ALA C 195 -6.08 -25.59 -4.54
C ALA C 195 -5.88 -26.94 -3.86
N GLY C 196 -5.32 -27.92 -4.57
CA GLY C 196 -5.12 -29.23 -4.00
C GLY C 196 -5.50 -30.34 -4.97
N GLY C 197 -5.19 -31.57 -4.61
CA GLY C 197 -5.60 -32.73 -5.38
C GLY C 197 -4.50 -33.53 -6.06
N ALA C 198 -3.25 -33.40 -5.64
CA ALA C 198 -2.17 -34.15 -6.27
C ALA C 198 -0.94 -34.15 -5.38
N ARG C 199 -0.02 -35.04 -5.68
CA ARG C 199 1.20 -35.12 -4.92
C ARG C 199 2.09 -33.99 -5.27
N THR C 200 2.82 -33.50 -4.30
CA THR C 200 3.81 -32.46 -4.55
C THR C 200 5.13 -33.11 -4.92
N ARG C 201 5.67 -32.74 -6.08
CA ARG C 201 6.85 -33.38 -6.64
C ARG C 201 7.99 -32.37 -6.76
N LYS C 202 9.20 -32.91 -6.88
CA LYS C 202 10.37 -32.07 -7.12
C LYS C 202 10.34 -31.56 -8.55
N LEU C 203 10.77 -30.30 -8.74
CA LEU C 203 10.79 -29.69 -10.06
C LEU C 203 12.01 -30.19 -10.81
N GLU C 204 11.84 -31.29 -11.53
CA GLU C 204 12.94 -31.85 -12.31
C GLU C 204 13.22 -31.00 -13.53
N ALA C 205 14.39 -31.26 -14.15
CA ALA C 205 14.80 -30.48 -15.32
C ALA C 205 13.89 -30.73 -16.50
N LYS C 206 13.34 -31.92 -16.61
CA LYS C 206 12.40 -32.19 -17.68
C LYS C 206 11.23 -31.25 -17.57
N ASP C 207 10.82 -30.90 -16.36
CA ASP C 207 9.68 -30.02 -16.16
C ASP C 207 9.92 -28.61 -16.66
N LEU C 208 11.18 -28.26 -16.96
CA LEU C 208 11.50 -26.93 -17.46
C LEU C 208 11.68 -26.89 -18.97
N GLU C 209 11.56 -28.01 -19.64
CA GLU C 209 11.64 -28.04 -21.08
C GLU C 209 10.41 -27.40 -21.59
N ALA C 210 10.56 -26.58 -22.62
CA ALA C 210 9.40 -25.85 -23.11
C ALA C 210 8.22 -26.77 -23.39
N ASP C 211 8.50 -27.94 -23.97
CA ASP C 211 7.51 -28.94 -24.33
C ASP C 211 6.47 -29.17 -23.24
N ARG C 212 6.87 -29.00 -21.99
CA ARG C 212 5.94 -29.23 -20.89
C ARG C 212 5.78 -28.06 -19.93
N ILE C 213 6.64 -27.07 -20.00
CA ILE C 213 6.44 -25.91 -19.15
C ILE C 213 5.36 -25.05 -19.78
N GLU C 214 5.18 -25.18 -21.09
CA GLU C 214 4.15 -24.39 -21.75
C GLU C 214 2.73 -24.76 -21.31
N ARG C 215 2.56 -25.93 -20.68
CA ARG C 215 1.24 -26.40 -20.29
C ARG C 215 0.64 -25.63 -19.12
N LEU C 216 1.36 -24.65 -18.58
CA LEU C 216 0.78 -23.79 -17.56
C LEU C 216 -0.38 -22.96 -18.11
N SER C 217 -0.48 -22.84 -19.44
CA SER C 217 -1.56 -22.10 -20.08
C SER C 217 -2.89 -22.82 -20.01
N ALA C 218 -2.95 -23.99 -19.37
CA ALA C 218 -4.20 -24.70 -19.13
C ALA C 218 -4.71 -24.54 -17.70
N ALA C 219 -3.80 -24.40 -16.73
CA ALA C 219 -4.10 -24.12 -15.34
C ALA C 219 -2.83 -23.67 -14.63
N PRO C 220 -2.90 -22.73 -13.69
CA PRO C 220 -1.70 -22.38 -12.92
C PRO C 220 -1.33 -23.51 -11.98
N VAL C 221 -0.10 -23.46 -11.48
CA VAL C 221 0.32 -24.34 -10.41
C VAL C 221 1.21 -23.55 -9.44
N CYS C 222 1.44 -24.14 -8.27
CA CYS C 222 2.22 -23.54 -7.20
C CYS C 222 3.65 -24.08 -7.17
N PHE C 223 4.63 -23.19 -7.33
CA PHE C 223 6.03 -23.53 -7.20
C PHE C 223 6.58 -22.96 -5.90
N GLN C 224 7.34 -23.77 -5.17
CA GLN C 224 7.88 -23.34 -3.89
C GLN C 224 9.32 -23.82 -3.75
N GLU C 225 10.03 -23.22 -2.80
CA GLU C 225 11.38 -23.67 -2.51
C GLU C 225 11.33 -25.07 -1.89
N LEU C 226 12.22 -25.94 -2.35
CA LEU C 226 12.30 -27.29 -1.79
C LEU C 226 12.87 -27.20 -0.39
N LEU C 227 12.00 -27.33 0.61
CA LEU C 227 12.44 -27.37 2.00
C LEU C 227 12.95 -28.77 2.32
N THR C 228 14.19 -28.86 2.81
CA THR C 228 14.85 -30.14 2.98
C THR C 228 14.52 -30.83 4.29
N GLY C 229 13.98 -30.09 5.24
CA GLY C 229 13.72 -30.65 6.54
C GLY C 229 12.59 -31.58 6.79
N ASP C 230 12.04 -31.48 7.96
CA ASP C 230 11.06 -32.43 8.32
C ASP C 230 9.72 -31.88 8.57
N ASP C 231 8.72 -32.60 8.09
CA ASP C 231 7.38 -32.12 8.22
C ASP C 231 6.85 -32.43 9.58
N VAL C 232 6.21 -31.44 10.19
CA VAL C 232 5.65 -31.63 11.46
C VAL C 232 4.20 -31.32 11.30
N ARG C 233 3.33 -32.23 11.70
CA ARG C 233 1.91 -31.96 11.68
C ARG C 233 1.53 -31.53 13.06
N VAL C 234 0.91 -30.39 13.15
CA VAL C 234 0.48 -29.82 14.42
C VAL C 234 -1.05 -29.81 14.46
N TYR C 235 -1.61 -30.08 15.64
CA TYR C 235 -3.05 -30.00 15.85
C TYR C 235 -3.35 -28.88 16.83
N VAL C 236 -4.25 -27.98 16.43
CA VAL C 236 -4.67 -26.86 17.27
C VAL C 236 -6.17 -26.96 17.45
N ILE C 237 -6.62 -26.94 18.71
CA ILE C 237 -8.03 -26.96 19.08
C ILE C 237 -8.26 -25.85 20.09
N ASP C 238 -8.98 -24.81 19.69
CA ASP C 238 -9.38 -23.72 20.58
C ASP C 238 -8.18 -23.02 21.20
N ASP C 239 -7.25 -22.59 20.34
CA ASP C 239 -6.09 -21.80 20.70
C ASP C 239 -5.11 -22.54 21.59
N GLN C 240 -5.14 -23.87 21.60
CA GLN C 240 -4.17 -24.66 22.32
C GLN C 240 -3.60 -25.73 21.39
N VAL C 241 -2.32 -26.02 21.55
CA VAL C 241 -1.64 -27.03 20.74
C VAL C 241 -1.81 -28.38 21.42
N ILE C 242 -2.50 -29.30 20.74
CA ILE C 242 -2.70 -30.64 21.29
C ILE C 242 -1.41 -31.43 21.23
N CYS C 243 -0.84 -31.57 20.03
CA CYS C 243 0.39 -32.32 19.86
C CYS C 243 1.07 -31.88 18.56
N ALA C 244 2.34 -32.24 18.43
CA ALA C 244 3.11 -31.99 17.22
C ALA C 244 3.80 -33.28 16.83
N LEU C 245 3.58 -33.74 15.60
CA LEU C 245 3.99 -35.07 15.17
C LEU C 245 4.97 -34.95 14.01
N ARG C 246 6.21 -35.41 14.22
CA ARG C 246 7.20 -35.46 13.16
C ARG C 246 7.00 -36.71 12.31
N ILE C 247 6.89 -36.50 11.01
CA ILE C 247 6.76 -37.57 10.03
C ILE C 247 8.11 -37.72 9.34
N VAL C 248 8.66 -38.93 9.37
CA VAL C 248 9.94 -39.22 8.72
C VAL C 248 9.73 -40.37 7.76
N THR C 249 10.23 -40.20 6.53
CA THR C 249 10.21 -41.22 5.49
C THR C 249 11.45 -42.08 5.67
N ASP C 250 11.27 -43.26 6.25
CA ASP C 250 12.37 -44.18 6.51
C ASP C 250 12.92 -44.68 5.18
N GLU C 251 14.10 -44.19 4.79
CA GLU C 251 14.72 -44.56 3.53
C GLU C 251 15.77 -45.67 3.68
N ILE C 252 15.72 -46.42 4.79
CA ILE C 252 16.74 -47.44 5.05
C ILE C 252 16.68 -48.54 3.99
N ASP C 253 15.49 -49.09 3.73
CA ASP C 253 15.31 -50.07 2.63
C ASP C 253 14.39 -49.51 1.58
N PHE C 254 14.74 -49.66 0.32
CA PHE C 254 13.98 -49.04 -0.73
C PHE C 254 12.97 -49.96 -1.29
N ARG C 255 13.06 -51.20 -0.88
CA ARG C 255 12.08 -52.15 -1.33
C ARG C 255 10.87 -52.05 -0.43
N GLN C 256 10.98 -51.33 0.69
CA GLN C 256 9.87 -51.17 1.62
C GLN C 256 10.09 -49.96 2.48
N ALA C 257 9.60 -48.81 2.03
CA ALA C 257 9.81 -47.57 2.76
C ALA C 257 8.71 -47.28 3.73
N GLU C 258 8.93 -47.58 4.97
CA GLU C 258 7.89 -47.36 5.94
C GLU C 258 7.86 -45.92 6.37
N GLU C 259 6.82 -45.55 7.10
CA GLU C 259 6.74 -44.20 7.60
C GLU C 259 6.68 -44.21 9.09
N ARG C 260 7.46 -43.36 9.70
CA ARG C 260 7.55 -43.29 11.15
C ARG C 260 7.06 -41.94 11.63
N ILE C 261 6.15 -41.93 12.60
CA ILE C 261 5.56 -40.70 13.11
C ILE C 261 5.76 -40.66 14.61
N GLU C 262 6.62 -39.75 15.06
CA GLU C 262 6.95 -39.61 16.48
C GLU C 262 6.49 -38.26 16.99
N ALA C 263 5.79 -38.26 18.13
CA ALA C 263 5.46 -37.00 18.78
C ALA C 263 6.72 -36.30 19.25
N ILE C 264 6.75 -34.97 19.09
CA ILE C 264 7.89 -34.15 19.48
C ILE C 264 7.39 -32.92 20.21
N GLU C 265 8.28 -32.31 20.98
CA GLU C 265 8.03 -30.99 21.56
C GLU C 265 8.53 -29.92 20.62
N ILE C 266 7.78 -28.82 20.52
CA ILE C 266 8.13 -27.72 19.63
C ILE C 266 8.23 -26.44 20.45
N SER C 267 9.08 -25.52 19.97
CA SER C 267 9.35 -24.28 20.68
C SER C 267 8.05 -23.53 20.96
N ASP C 268 8.04 -22.79 22.08
CA ASP C 268 6.86 -22.02 22.45
C ASP C 268 6.57 -20.91 21.45
N GLU C 269 7.62 -20.33 20.86
CA GLU C 269 7.44 -19.40 19.76
C GLU C 269 6.69 -20.07 18.61
N VAL C 270 7.08 -21.31 18.29
CA VAL C 270 6.44 -22.06 17.21
C VAL C 270 4.99 -22.35 17.55
N LYS C 271 4.71 -22.64 18.83
CA LYS C 271 3.34 -22.89 19.24
C LYS C 271 2.48 -21.64 19.10
N ASP C 272 2.99 -20.48 19.53
CA ASP C 272 2.26 -19.24 19.32
C ASP C 272 2.05 -18.97 17.84
N GLN C 273 3.02 -19.33 17.00
CA GLN C 273 2.86 -19.17 15.57
C GLN C 273 1.70 -20.02 15.04
N CYS C 274 1.66 -21.29 15.44
CA CYS C 274 0.59 -22.17 14.97
C CYS C 274 -0.78 -21.70 15.45
N VAL C 275 -0.87 -21.26 16.71
CA VAL C 275 -2.15 -20.76 17.23
C VAL C 275 -2.55 -19.48 16.50
N ARG C 276 -1.59 -18.59 16.25
CA ARG C 276 -1.87 -17.35 15.51
C ARG C 276 -2.37 -17.66 14.11
N ALA C 277 -1.76 -18.66 13.45
CA ALA C 277 -2.23 -19.06 12.12
C ALA C 277 -3.67 -19.58 12.17
N ALA C 278 -3.97 -20.43 13.17
CA ALA C 278 -5.32 -20.98 13.29
C ALA C 278 -6.36 -19.89 13.49
N LYS C 279 -6.09 -18.93 14.35
CA LYS C 279 -7.02 -17.81 14.55
C LYS C 279 -7.07 -16.85 13.37
N LEU C 280 -6.00 -16.80 12.59
CA LEU C 280 -6.01 -15.93 11.41
C LEU C 280 -6.86 -16.52 10.29
N VAL C 281 -6.74 -17.82 10.05
CA VAL C 281 -7.58 -18.44 9.03
C VAL C 281 -9.03 -18.50 9.50
N GLY C 282 -9.25 -18.64 10.80
CA GLY C 282 -10.58 -18.71 11.36
C GLY C 282 -11.00 -20.13 11.70
N LEU C 283 -10.06 -20.93 12.18
CA LEU C 283 -10.30 -22.33 12.48
C LEU C 283 -10.37 -22.53 13.99
N ARG C 284 -11.26 -23.43 14.41
CA ARG C 284 -11.31 -23.89 15.79
C ARG C 284 -10.63 -25.22 15.98
N TYR C 285 -10.65 -26.07 14.95
CA TYR C 285 -9.92 -27.34 14.93
C TYR C 285 -9.15 -27.40 13.63
N THR C 286 -7.82 -27.48 13.73
CA THR C 286 -6.99 -27.50 12.53
C THR C 286 -5.86 -28.52 12.69
N GLY C 287 -5.63 -29.29 11.64
CA GLY C 287 -4.40 -30.02 11.48
C GLY C 287 -3.56 -29.31 10.43
N MET C 288 -2.57 -28.55 10.87
CA MET C 288 -1.74 -27.77 9.97
C MET C 288 -0.41 -28.48 9.77
N ASP C 289 0.24 -28.19 8.65
CA ASP C 289 1.53 -28.78 8.34
C ASP C 289 2.59 -27.68 8.31
N ILE C 290 3.70 -27.92 9.00
CA ILE C 290 4.86 -27.04 8.96
C ILE C 290 6.06 -27.88 8.55
N LYS C 291 7.10 -27.20 8.07
CA LYS C 291 8.29 -27.93 7.67
C LYS C 291 9.48 -26.99 7.75
N ALA C 292 10.59 -27.52 8.24
CA ALA C 292 11.80 -26.73 8.41
C ALA C 292 12.65 -26.73 7.13
N GLY C 293 13.34 -25.63 6.91
CA GLY C 293 14.35 -25.56 5.88
C GLY C 293 15.69 -26.06 6.39
N ALA C 294 16.72 -25.85 5.57
CA ALA C 294 18.06 -26.22 5.96
C ALA C 294 18.58 -25.41 7.15
N ASP C 295 17.99 -24.25 7.40
CA ASP C 295 18.40 -23.41 8.53
C ASP C 295 17.77 -23.84 9.84
N GLY C 296 16.95 -24.90 9.83
CA GLY C 296 16.31 -25.42 11.02
C GLY C 296 14.94 -24.87 11.31
N ASN C 297 14.63 -23.66 10.82
CA ASN C 297 13.42 -22.96 11.20
C ASN C 297 12.20 -23.47 10.43
N TYR C 298 11.09 -23.64 11.15
CA TYR C 298 9.86 -24.11 10.54
C TYR C 298 9.21 -23.01 9.72
N ARG C 299 8.63 -23.39 8.59
CA ARG C 299 7.77 -22.51 7.80
C ARG C 299 6.42 -23.21 7.64
N VAL C 300 5.37 -22.42 7.62
CA VAL C 300 4.01 -22.97 7.55
C VAL C 300 3.68 -23.33 6.11
N LEU C 301 3.09 -24.50 5.92
CA LEU C 301 2.68 -24.98 4.60
C LEU C 301 1.21 -24.73 4.32
N GLU C 302 0.39 -25.18 5.25
CA GLU C 302 -1.03 -25.02 5.12
C GLU C 302 -1.82 -25.39 6.34
N LEU C 303 -3.02 -24.87 6.45
CA LEU C 303 -3.95 -25.26 7.50
C LEU C 303 -5.17 -25.89 6.86
N ASN C 304 -5.52 -27.10 7.28
CA ASN C 304 -6.64 -27.84 6.70
C ASN C 304 -7.91 -27.58 7.50
N ALA C 305 -9.00 -27.32 6.79
CA ALA C 305 -10.28 -27.01 7.44
C ALA C 305 -11.05 -28.25 7.87
N SER C 306 -10.55 -29.45 7.58
CA SER C 306 -11.17 -30.67 8.07
C SER C 306 -10.12 -31.77 8.12
N ALA C 307 -9.08 -31.54 8.94
CA ALA C 307 -7.95 -32.45 8.99
C ALA C 307 -8.37 -33.83 9.50
N MET C 308 -7.85 -34.87 8.86
CA MET C 308 -7.94 -36.23 9.35
C MET C 308 -6.94 -36.47 10.47
N PHE C 309 -7.20 -37.47 11.32
CA PHE C 309 -6.30 -37.72 12.44
C PHE C 309 -6.06 -39.19 12.77
N ARG C 310 -6.90 -40.10 12.26
CA ARG C 310 -6.83 -41.50 12.70
C ARG C 310 -5.44 -42.09 12.46
N GLY C 311 -4.86 -41.86 11.28
CA GLY C 311 -3.55 -42.41 11.00
C GLY C 311 -2.47 -41.86 11.91
N PHE C 312 -2.50 -40.55 12.15
CA PHE C 312 -1.51 -39.92 13.03
C PHE C 312 -1.64 -40.43 14.46
N GLU C 313 -2.87 -40.52 14.98
CA GLU C 313 -3.09 -41.10 16.31
C GLU C 313 -2.49 -42.50 16.40
N GLY C 314 -2.90 -43.38 15.48
CA GLY C 314 -2.40 -44.75 15.47
C GLY C 314 -0.89 -44.81 15.46
N ARG C 315 -0.29 -44.30 14.40
CA ARG C 315 1.16 -44.39 14.24
C ARG C 315 1.98 -43.66 15.31
N ALA C 316 1.40 -42.66 15.98
CA ALA C 316 2.17 -41.86 16.93
C ALA C 316 1.77 -42.09 18.38
N ASN C 317 0.74 -42.89 18.65
CA ASN C 317 0.22 -43.13 19.99
C ASN C 317 -0.08 -41.82 20.71
N VAL C 318 -0.80 -40.94 20.02
CA VAL C 318 -1.32 -39.72 20.63
C VAL C 318 -2.83 -39.82 20.62
N ASP C 319 -3.51 -38.86 21.23
CA ASP C 319 -4.97 -38.82 21.25
C ASP C 319 -5.42 -37.47 20.75
N ILE C 320 -6.02 -37.45 19.56
CA ILE C 320 -6.57 -36.24 18.96
C ILE C 320 -8.10 -36.24 18.99
N CYS C 321 -8.71 -37.40 18.78
CA CYS C 321 -10.17 -37.50 18.85
C CYS C 321 -10.69 -37.14 20.24
N GLY C 322 -9.94 -37.50 21.28
CA GLY C 322 -10.31 -37.23 22.65
C GLY C 322 -10.50 -35.75 22.95
N PRO C 323 -9.44 -34.96 22.77
CA PRO C 323 -9.57 -33.51 22.99
C PRO C 323 -10.64 -32.86 22.13
N LEU C 324 -10.88 -33.38 20.91
CA LEU C 324 -11.92 -32.82 20.05
C LEU C 324 -13.31 -33.07 20.64
N CYS C 325 -13.60 -34.32 21.00
CA CYS C 325 -14.85 -34.61 21.69
C CYS C 325 -14.97 -33.81 22.98
N ASP C 326 -13.85 -33.57 23.66
CA ASP C 326 -13.88 -32.77 24.88
C ASP C 326 -14.31 -31.33 24.60
N ALA C 327 -13.77 -30.73 23.55
CA ALA C 327 -14.17 -29.36 23.19
C ALA C 327 -15.65 -29.30 22.83
N LEU C 328 -16.09 -30.24 21.97
CA LEU C 328 -17.50 -30.30 21.61
C LEU C 328 -18.39 -30.39 22.85
N ILE C 329 -18.04 -31.27 23.79
CA ILE C 329 -18.86 -31.46 24.98
C ILE C 329 -18.81 -30.23 25.89
N ALA C 330 -17.63 -29.60 25.99
CA ALA C 330 -17.52 -28.37 26.76
C ALA C 330 -18.47 -27.30 26.24
N GLN C 331 -18.76 -27.33 24.93
CA GLN C 331 -19.67 -26.34 24.38
C GLN C 331 -21.08 -26.46 24.98
N THR C 332 -21.54 -27.69 25.24
CA THR C 332 -22.91 -27.89 25.72
C THR C 332 -23.10 -27.43 27.17
N LYS C 333 -22.04 -27.06 27.86
CA LYS C 333 -22.16 -26.66 29.24
C LYS C 333 -22.10 -25.15 29.33
N ARG C 334 -21.98 -24.47 28.20
CA ARG C 334 -22.00 -23.01 28.16
C ARG C 334 -23.43 -22.50 28.04
N SER D 19 4.86 4.52 -29.68
CA SER D 19 5.69 5.33 -28.81
C SER D 19 4.82 6.22 -27.91
N HIS D 20 4.36 5.66 -26.80
CA HIS D 20 3.50 6.35 -25.86
C HIS D 20 4.23 6.53 -24.54
N MET D 21 3.55 7.16 -23.56
CA MET D 21 4.10 7.40 -22.20
C MET D 21 2.93 7.57 -21.22
N THR D 22 1.93 6.70 -21.27
CA THR D 22 0.80 6.75 -20.34
C THR D 22 0.79 5.49 -19.49
N ASN D 23 0.71 5.64 -18.15
CA ASN D 23 0.76 4.51 -17.25
C ASN D 23 -0.61 3.89 -16.95
N LEU D 24 -0.74 2.56 -16.98
CA LEU D 24 -1.99 1.88 -16.65
C LEU D 24 -2.37 2.23 -15.21
N ASP D 25 -3.68 2.30 -14.96
CA ASP D 25 -4.17 2.96 -13.75
C ASP D 25 -4.14 2.03 -12.54
N THR D 26 -4.91 0.95 -12.58
CA THR D 26 -5.11 0.03 -11.45
C THR D 26 -5.59 0.76 -10.20
N SER D 27 -6.08 2.00 -10.33
CA SER D 27 -6.80 2.62 -9.23
C SER D 27 -8.23 2.10 -9.16
N ILE D 28 -8.83 1.85 -10.33
CA ILE D 28 -10.16 1.26 -10.44
C ILE D 28 -10.04 0.05 -11.36
N VAL D 29 -10.41 -1.11 -10.85
CA VAL D 29 -10.35 -2.36 -11.60
C VAL D 29 -11.76 -2.88 -11.77
N VAL D 30 -12.10 -3.25 -13.00
CA VAL D 30 -13.41 -3.81 -13.34
C VAL D 30 -13.19 -5.28 -13.69
N VAL D 31 -13.63 -6.16 -12.81
CA VAL D 31 -13.46 -7.60 -12.99
C VAL D 31 -14.63 -8.11 -13.79
N GLY D 32 -14.37 -8.51 -15.02
CA GLY D 32 -15.42 -8.95 -15.92
C GLY D 32 -14.94 -8.84 -17.35
N SER D 33 -15.90 -9.01 -18.27
CA SER D 33 -15.46 -9.02 -19.66
C SER D 33 -15.81 -7.71 -20.35
N PRO D 34 -14.95 -7.25 -21.26
CA PRO D 34 -15.30 -6.06 -22.06
C PRO D 34 -16.52 -6.25 -22.93
N ASP D 35 -16.78 -7.47 -23.40
CA ASP D 35 -17.97 -7.74 -24.19
C ASP D 35 -19.25 -7.73 -23.36
N ASP D 36 -19.18 -7.37 -22.08
CA ASP D 36 -20.35 -7.29 -21.22
C ASP D 36 -20.84 -5.85 -21.19
N LEU D 37 -22.13 -5.64 -21.49
CA LEU D 37 -22.66 -4.30 -21.65
C LEU D 37 -22.53 -3.47 -20.37
N HIS D 38 -22.56 -4.10 -19.21
CA HIS D 38 -22.45 -3.34 -17.97
C HIS D 38 -21.01 -2.91 -17.70
N VAL D 39 -20.03 -3.77 -18.01
CA VAL D 39 -18.64 -3.32 -17.94
C VAL D 39 -18.45 -2.14 -18.86
N GLN D 40 -19.10 -2.14 -20.03
CA GLN D 40 -18.98 -1.01 -20.95
C GLN D 40 -19.66 0.23 -20.38
N SER D 41 -20.88 0.09 -19.89
CA SER D 41 -21.56 1.22 -19.26
C SER D 41 -20.71 1.86 -18.17
N VAL D 42 -20.23 1.04 -17.24
CA VAL D 42 -19.43 1.53 -16.13
C VAL D 42 -18.11 2.13 -16.62
N THR D 43 -17.50 1.55 -17.65
CA THR D 43 -16.24 2.08 -18.16
C THR D 43 -16.43 3.38 -18.94
N GLU D 44 -17.58 3.54 -19.61
CA GLU D 44 -17.87 4.81 -20.29
C GLU D 44 -18.09 5.91 -19.25
N GLY D 45 -18.84 5.60 -18.19
CA GLY D 45 -19.01 6.57 -17.11
C GLY D 45 -17.69 6.94 -16.46
N LEU D 46 -16.86 5.94 -16.16
CA LEU D 46 -15.55 6.20 -15.57
C LEU D 46 -14.69 7.08 -16.47
N ARG D 47 -14.68 6.80 -17.79
CA ARG D 47 -14.00 7.67 -18.73
C ARG D 47 -14.54 9.09 -18.66
N ALA D 48 -15.85 9.25 -18.82
CA ALA D 48 -16.45 10.58 -18.84
C ALA D 48 -16.31 11.31 -17.51
N ARG D 49 -15.81 10.64 -16.48
CA ARG D 49 -15.55 11.30 -15.22
C ARG D 49 -14.08 11.48 -14.91
N GLY D 50 -13.18 11.05 -15.79
CA GLY D 50 -11.78 11.39 -15.64
C GLY D 50 -10.80 10.23 -15.54
N HIS D 51 -11.24 9.08 -15.04
CA HIS D 51 -10.36 7.95 -14.81
C HIS D 51 -10.51 6.89 -15.91
N GLU D 52 -9.40 6.25 -16.26
CA GLU D 52 -9.41 5.13 -17.21
C GLU D 52 -9.18 3.86 -16.42
N PRO D 53 -10.16 2.96 -16.33
CA PRO D 53 -10.03 1.81 -15.43
C PRO D 53 -9.34 0.62 -16.08
N TYR D 54 -8.62 -0.13 -15.25
CA TYR D 54 -8.08 -1.42 -15.69
C TYR D 54 -9.22 -2.44 -15.74
N VAL D 55 -9.47 -2.99 -16.93
CA VAL D 55 -10.45 -4.06 -17.08
C VAL D 55 -9.72 -5.38 -16.90
N PHE D 56 -10.03 -6.07 -15.80
CA PHE D 56 -9.44 -7.37 -15.46
C PHE D 56 -10.26 -8.44 -16.18
N ASP D 57 -9.82 -8.79 -17.39
CA ASP D 57 -10.55 -9.72 -18.25
C ASP D 57 -10.23 -11.15 -17.81
N THR D 58 -10.97 -11.63 -16.81
CA THR D 58 -10.63 -12.90 -16.18
C THR D 58 -10.92 -14.09 -17.09
N GLN D 59 -11.90 -13.98 -17.98
CA GLN D 59 -12.25 -15.10 -18.84
C GLN D 59 -11.08 -15.52 -19.73
N ARG D 60 -10.09 -14.65 -19.90
CA ARG D 60 -8.92 -14.94 -20.73
C ARG D 60 -7.82 -15.50 -19.85
N PHE D 61 -8.15 -16.12 -18.69
CA PHE D 61 -7.05 -16.35 -17.75
C PHE D 61 -5.97 -17.33 -18.18
N PRO D 62 -6.21 -18.65 -18.26
CA PRO D 62 -5.05 -19.57 -18.32
C PRO D 62 -4.41 -19.48 -19.69
N GLU D 63 -5.21 -19.39 -20.76
CA GLU D 63 -4.68 -19.55 -22.11
C GLU D 63 -4.04 -18.28 -22.66
N GLU D 64 -4.47 -17.10 -22.23
CA GLU D 64 -3.96 -15.87 -22.81
C GLU D 64 -3.27 -14.97 -21.80
N MET D 65 -3.92 -14.60 -20.71
CA MET D 65 -3.34 -13.71 -19.73
C MET D 65 -2.53 -14.49 -18.70
N THR D 66 -1.42 -13.91 -18.24
CA THR D 66 -0.61 -14.51 -17.20
C THR D 66 -0.75 -13.70 -15.91
N VAL D 67 -0.99 -14.41 -14.81
CA VAL D 67 -0.93 -13.80 -13.48
C VAL D 67 0.01 -14.63 -12.61
N SER D 68 0.79 -13.94 -11.78
CA SER D 68 1.78 -14.57 -10.92
C SER D 68 1.65 -13.97 -9.53
N LEU D 69 1.58 -14.84 -8.52
CA LEU D 69 1.46 -14.43 -7.13
C LEU D 69 2.66 -14.91 -6.34
N GLY D 70 3.27 -13.99 -5.57
CA GLY D 70 4.24 -14.34 -4.58
C GLY D 70 3.60 -14.52 -3.21
N GLU D 71 4.40 -14.94 -2.25
CA GLU D 71 3.91 -15.17 -0.92
C GLU D 71 3.50 -13.93 -0.24
N GLN D 72 4.04 -12.80 -0.67
CA GLN D 72 3.65 -11.51 -0.12
C GLN D 72 2.41 -11.00 -0.83
N GLY D 73 1.48 -10.44 -0.06
CA GLY D 73 0.17 -10.10 -0.59
C GLY D 73 0.23 -9.13 -1.77
N ALA D 74 1.15 -8.15 -1.70
CA ALA D 74 1.26 -7.19 -2.78
C ALA D 74 1.92 -7.76 -4.03
N SER D 75 2.46 -8.99 -3.95
CA SER D 75 3.16 -9.58 -5.10
C SER D 75 2.14 -10.23 -6.05
N ILE D 76 1.39 -9.37 -6.73
CA ILE D 76 0.45 -9.79 -7.75
C ILE D 76 0.89 -9.17 -9.07
N PHE D 77 1.01 -10.00 -10.12
CA PHE D 77 1.50 -9.54 -11.41
C PHE D 77 0.59 -10.06 -12.50
N VAL D 78 -0.17 -9.16 -13.12
CA VAL D 78 -1.09 -9.49 -14.21
C VAL D 78 -0.46 -8.94 -15.50
N ASP D 79 -0.08 -9.85 -16.40
CA ASP D 79 0.60 -9.48 -17.65
C ASP D 79 1.83 -8.61 -17.37
N GLY D 80 2.64 -9.05 -16.41
CA GLY D 80 3.86 -8.35 -16.08
C GLY D 80 3.70 -7.13 -15.20
N GLN D 81 2.51 -6.51 -15.17
CA GLN D 81 2.30 -5.30 -14.40
C GLN D 81 1.84 -5.64 -12.99
N GLN D 82 2.54 -5.08 -12.00
CA GLN D 82 2.17 -5.30 -10.61
C GLN D 82 0.87 -4.58 -10.31
N ILE D 83 -0.14 -5.33 -9.86
CA ILE D 83 -1.41 -4.73 -9.50
C ILE D 83 -1.73 -5.13 -8.07
N ALA D 84 -1.02 -4.50 -7.13
CA ALA D 84 -1.31 -4.65 -5.71
C ALA D 84 -2.21 -3.51 -5.26
N ARG D 85 -3.17 -3.79 -4.40
CA ARG D 85 -4.00 -2.72 -3.82
C ARG D 85 -4.71 -1.72 -4.73
N PRO D 86 -5.71 -2.15 -5.56
CA PRO D 86 -6.47 -1.08 -6.23
C PRO D 86 -7.20 -0.29 -5.17
N ALA D 87 -7.60 0.93 -5.54
CA ALA D 87 -8.45 1.72 -4.64
C ALA D 87 -9.85 1.13 -4.56
N ALA D 88 -10.40 0.71 -5.69
CA ALA D 88 -11.73 0.14 -5.73
C ALA D 88 -11.81 -0.90 -6.84
N VAL D 89 -12.77 -1.80 -6.72
CA VAL D 89 -13.02 -2.83 -7.72
C VAL D 89 -14.52 -2.94 -7.94
N TYR D 90 -14.93 -2.98 -9.21
CA TYR D 90 -16.30 -3.30 -9.59
C TYR D 90 -16.33 -4.73 -10.08
N LEU D 91 -16.92 -5.63 -9.29
CA LEU D 91 -16.93 -7.06 -9.57
C LEU D 91 -18.24 -7.41 -10.28
N ARG D 92 -18.16 -7.59 -11.60
CA ARG D 92 -19.31 -7.98 -12.41
C ARG D 92 -19.43 -9.50 -12.49
N SER D 93 -18.36 -10.17 -12.90
CA SER D 93 -18.35 -11.61 -13.03
C SER D 93 -16.92 -12.12 -12.86
N LEU D 94 -16.83 -13.39 -12.43
CA LEU D 94 -15.54 -14.02 -12.19
C LEU D 94 -15.30 -15.21 -13.08
N TYR D 95 -15.78 -16.39 -12.66
CA TYR D 95 -15.50 -17.64 -13.39
C TYR D 95 -16.54 -18.73 -13.12
N GLN D 96 -16.77 -19.65 -14.07
CA GLN D 96 -17.69 -20.78 -13.84
C GLN D 96 -17.37 -21.97 -14.74
N SER D 97 -17.39 -23.19 -14.21
CA SER D 97 -17.19 -24.36 -15.07
C SER D 97 -18.28 -24.45 -16.16
N PRO D 98 -19.62 -24.41 -15.81
CA PRO D 98 -20.55 -24.44 -16.94
C PRO D 98 -21.08 -23.05 -17.26
N ASP D 104 -16.56 -23.95 -23.21
CA ASP D 104 -16.88 -25.28 -23.68
C ASP D 104 -15.97 -26.30 -23.07
N ALA D 105 -16.56 -27.31 -22.45
CA ALA D 105 -15.79 -28.35 -21.84
C ALA D 105 -16.70 -29.54 -21.78
N ASP D 106 -17.66 -29.63 -22.66
CA ASP D 106 -18.51 -30.81 -22.69
C ASP D 106 -17.67 -31.98 -23.11
N LYS D 107 -16.70 -31.77 -23.97
CA LYS D 107 -15.83 -32.87 -24.32
C LYS D 107 -15.10 -33.25 -23.08
N ALA D 108 -14.38 -32.32 -22.50
CA ALA D 108 -13.59 -32.61 -21.34
C ALA D 108 -14.38 -33.31 -20.29
N MET D 109 -15.54 -32.80 -19.97
CA MET D 109 -16.32 -33.37 -18.90
C MET D 109 -16.83 -34.71 -19.32
N GLN D 110 -17.32 -34.85 -20.56
CA GLN D 110 -17.69 -36.20 -20.97
C GLN D 110 -16.54 -37.17 -20.81
N ASP D 111 -15.33 -36.74 -21.18
CA ASP D 111 -14.18 -37.65 -21.15
C ASP D 111 -13.67 -37.85 -19.72
N ASN D 112 -13.43 -36.76 -19.00
CA ASN D 112 -12.87 -36.86 -17.65
C ASN D 112 -13.39 -35.66 -16.85
N TRP D 113 -14.51 -35.89 -16.13
CA TRP D 113 -15.11 -34.81 -15.36
C TRP D 113 -14.29 -34.48 -14.12
N ARG D 114 -13.62 -35.45 -13.53
CA ARG D 114 -12.88 -35.25 -12.29
C ARG D 114 -11.75 -34.26 -12.57
N ARG D 115 -10.90 -34.56 -13.56
CA ARG D 115 -9.82 -33.64 -13.87
C ARG D 115 -10.34 -32.30 -14.28
N THR D 116 -11.42 -32.27 -15.06
CA THR D 116 -11.91 -30.98 -15.55
C THR D 116 -12.37 -30.08 -14.41
N LEU D 117 -13.17 -30.62 -13.49
CA LEU D 117 -13.53 -29.86 -12.30
C LEU D 117 -12.29 -29.40 -11.54
N LEU D 118 -11.28 -30.26 -11.43
CA LEU D 118 -10.08 -29.87 -10.70
C LEU D 118 -9.29 -28.77 -11.42
N ALA D 119 -9.23 -28.83 -12.76
CA ALA D 119 -8.54 -27.79 -13.51
C ALA D 119 -9.24 -26.45 -13.32
N PHE D 120 -10.56 -26.43 -13.46
CA PHE D 120 -11.28 -25.19 -13.25
C PHE D 120 -11.14 -24.70 -11.81
N ARG D 121 -10.99 -25.62 -10.86
CA ARG D 121 -10.76 -25.20 -9.48
C ARG D 121 -9.41 -24.52 -9.34
N GLU D 122 -8.38 -25.02 -10.03
CA GLU D 122 -7.08 -24.36 -10.02
C GLU D 122 -7.20 -22.90 -10.47
N ARG D 123 -7.77 -22.71 -11.67
CA ARG D 123 -7.89 -21.36 -12.20
C ARG D 123 -8.73 -20.46 -11.28
N SER D 124 -9.89 -20.97 -10.88
CA SER D 124 -10.80 -20.22 -10.02
C SER D 124 -10.12 -19.82 -8.71
N THR D 125 -9.32 -20.72 -8.14
CA THR D 125 -8.67 -20.43 -6.87
C THR D 125 -7.68 -19.29 -7.02
N LEU D 126 -6.89 -19.29 -8.10
CA LEU D 126 -5.94 -18.20 -8.27
C LEU D 126 -6.66 -16.86 -8.42
N MET D 127 -7.73 -16.80 -9.21
CA MET D 127 -8.44 -15.54 -9.39
C MET D 127 -9.09 -15.05 -8.09
N SER D 128 -9.79 -15.97 -7.41
CA SER D 128 -10.39 -15.64 -6.13
C SER D 128 -9.36 -15.13 -5.14
N ALA D 129 -8.15 -15.72 -5.16
CA ALA D 129 -7.10 -15.28 -4.27
C ALA D 129 -6.67 -13.86 -4.58
N VAL D 130 -6.61 -13.51 -5.87
CA VAL D 130 -6.29 -12.12 -6.23
C VAL D 130 -7.29 -11.17 -5.59
N LEU D 131 -8.58 -11.45 -5.77
CA LEU D 131 -9.60 -10.54 -5.21
C LEU D 131 -9.53 -10.50 -3.68
N LEU D 132 -9.31 -11.65 -3.05
CA LEU D 132 -9.20 -11.69 -1.59
C LEU D 132 -7.99 -10.89 -1.09
N ARG D 133 -6.86 -10.97 -1.80
CA ARG D 133 -5.69 -10.19 -1.42
C ARG D 133 -5.96 -8.70 -1.54
N TRP D 134 -6.60 -8.29 -2.65
CA TRP D 134 -6.97 -6.88 -2.79
C TRP D 134 -7.82 -6.42 -1.62
N GLU D 135 -8.85 -7.19 -1.28
CA GLU D 135 -9.72 -6.80 -0.17
C GLU D 135 -8.95 -6.73 1.14
N GLU D 136 -8.01 -7.65 1.35
CA GLU D 136 -7.27 -7.67 2.61
C GLU D 136 -6.33 -6.47 2.67
N ALA D 137 -5.84 -6.00 1.52
CA ALA D 137 -4.97 -4.83 1.50
C ALA D 137 -5.74 -3.53 1.69
N GLY D 138 -7.06 -3.56 1.67
CA GLY D 138 -7.85 -2.36 1.85
C GLY D 138 -8.64 -1.91 0.63
N THR D 139 -8.66 -2.71 -0.43
CA THR D 139 -9.43 -2.35 -1.62
C THR D 139 -10.93 -2.39 -1.30
N ALA D 140 -11.64 -1.34 -1.71
CA ALA D 140 -13.11 -1.35 -1.67
C ALA D 140 -13.60 -2.18 -2.84
N VAL D 141 -13.89 -3.45 -2.58
CA VAL D 141 -14.43 -4.35 -3.59
C VAL D 141 -15.94 -4.19 -3.59
N TYR D 142 -16.49 -3.73 -4.70
CA TYR D 142 -17.92 -3.48 -4.77
C TYR D 142 -18.60 -4.80 -5.04
N ASN D 143 -19.22 -5.32 -3.97
CA ASN D 143 -19.64 -6.71 -3.82
C ASN D 143 -18.41 -7.60 -3.77
N SER D 144 -17.84 -7.71 -2.58
CA SER D 144 -16.80 -8.69 -2.31
C SER D 144 -17.33 -10.11 -2.51
N PRO D 145 -16.52 -11.05 -2.97
CA PRO D 145 -17.00 -12.44 -3.06
C PRO D 145 -17.34 -13.02 -1.70
N ARG D 146 -16.73 -12.52 -0.63
CA ARG D 146 -17.03 -12.99 0.72
C ARG D 146 -18.51 -12.90 1.05
N ALA D 147 -19.27 -12.04 0.37
CA ALA D 147 -20.69 -11.89 0.61
C ALA D 147 -21.48 -13.14 0.26
N SER D 148 -20.89 -14.09 -0.47
CA SER D 148 -21.66 -15.24 -0.96
C SER D 148 -22.30 -16.02 0.19
N ALA D 149 -21.57 -16.20 1.29
CA ALA D 149 -22.12 -16.82 2.49
C ALA D 149 -23.47 -16.21 2.88
N ASN D 150 -23.52 -14.87 2.96
CA ASN D 150 -24.76 -14.21 3.33
C ASN D 150 -25.80 -14.27 2.22
N ILE D 151 -25.37 -14.39 0.97
CA ILE D 151 -26.29 -14.37 -0.18
C ILE D 151 -27.08 -15.68 -0.29
N THR D 152 -26.61 -16.75 0.32
CA THR D 152 -27.28 -18.05 0.33
C THR D 152 -28.70 -17.64 0.71
N LYS D 153 -29.63 -17.77 -0.22
CA LYS D 153 -30.98 -17.25 -0.01
C LYS D 153 -31.64 -17.81 1.24
N PRO D 154 -31.77 -19.14 1.39
CA PRO D 154 -32.51 -19.58 2.58
C PRO D 154 -31.92 -19.00 3.86
N PHE D 155 -30.62 -18.71 3.88
CA PHE D 155 -30.01 -18.00 5.00
C PHE D 155 -30.09 -16.48 4.93
N GLN D 156 -30.03 -15.92 3.72
CA GLN D 156 -30.16 -14.47 3.55
C GLN D 156 -31.47 -13.97 4.16
N LEU D 157 -32.56 -14.63 3.87
CA LEU D 157 -33.84 -14.16 4.35
C LEU D 157 -33.95 -14.28 5.85
N ALA D 158 -33.40 -15.36 6.40
CA ALA D 158 -33.42 -15.55 7.84
C ALA D 158 -32.58 -14.50 8.55
N LEU D 159 -31.41 -14.16 7.99
CA LEU D 159 -30.60 -13.07 8.53
C LEU D 159 -31.41 -11.79 8.63
N LEU D 160 -32.00 -11.38 7.51
CA LEU D 160 -32.79 -10.14 7.51
C LEU D 160 -33.94 -10.22 8.51
N ARG D 161 -34.70 -11.29 8.53
CA ARG D 161 -35.84 -11.39 9.43
C ARG D 161 -35.37 -11.26 10.84
N ASP D 162 -34.42 -12.11 11.22
CA ASP D 162 -34.00 -12.07 12.61
C ASP D 162 -33.34 -10.76 13.00
N ALA D 163 -33.02 -9.91 12.05
CA ALA D 163 -32.57 -8.56 12.35
C ALA D 163 -33.70 -7.53 12.34
N GLY D 164 -34.95 -7.98 12.31
CA GLY D 164 -36.08 -7.07 12.38
C GLY D 164 -36.58 -6.54 11.05
N LEU D 165 -36.15 -7.13 9.93
CA LEU D 165 -36.59 -6.61 8.64
C LEU D 165 -37.77 -7.41 8.11
N PRO D 166 -38.74 -6.75 7.48
CA PRO D 166 -39.93 -7.46 7.00
C PRO D 166 -39.61 -8.34 5.80
N VAL D 167 -39.94 -9.62 5.92
CA VAL D 167 -39.78 -10.57 4.82
C VAL D 167 -41.08 -11.32 4.63
N PRO D 168 -41.35 -11.80 3.42
CA PRO D 168 -42.54 -12.65 3.23
C PRO D 168 -42.38 -13.98 3.94
N ARG D 169 -43.46 -14.41 4.61
CA ARG D 169 -43.51 -15.77 5.14
C ARG D 169 -43.22 -16.75 4.03
N SER D 170 -42.20 -17.59 4.24
CA SER D 170 -41.77 -18.49 3.20
C SER D 170 -41.35 -19.82 3.81
N LEU D 171 -41.02 -20.76 2.92
CA LEU D 171 -40.71 -22.14 3.28
C LEU D 171 -39.89 -22.76 2.17
N TRP D 172 -38.66 -23.13 2.49
CA TRP D 172 -37.84 -23.99 1.65
C TRP D 172 -38.01 -25.42 2.15
N THR D 173 -38.29 -26.35 1.25
CA THR D 173 -38.56 -27.71 1.71
C THR D 173 -38.53 -28.70 0.56
N ASN D 174 -38.41 -29.98 0.93
CA ASN D 174 -38.72 -31.10 0.06
C ASN D 174 -39.78 -32.00 0.68
N ASP D 175 -40.47 -31.51 1.71
CA ASP D 175 -41.46 -32.27 2.47
C ASP D 175 -42.84 -31.88 1.99
N PRO D 176 -43.58 -32.77 1.32
CA PRO D 176 -44.92 -32.40 0.82
C PRO D 176 -45.88 -31.98 1.93
N GLU D 177 -45.81 -32.64 3.09
CA GLU D 177 -46.69 -32.28 4.19
C GLU D 177 -46.42 -30.87 4.71
N ALA D 178 -45.15 -30.47 4.76
CA ALA D 178 -44.85 -29.09 5.13
C ALA D 178 -45.47 -28.10 4.16
N VAL D 179 -45.46 -28.41 2.87
CA VAL D 179 -46.11 -27.54 1.89
C VAL D 179 -47.61 -27.45 2.14
N ARG D 180 -48.25 -28.60 2.39
CA ARG D 180 -49.68 -28.59 2.67
C ARG D 180 -50.00 -27.71 3.87
N ARG D 181 -49.26 -27.83 4.96
CA ARG D 181 -49.59 -27.05 6.14
C ARG D 181 -49.28 -25.59 5.95
N PHE D 182 -48.15 -25.30 5.29
CA PHE D 182 -47.82 -23.90 5.03
C PHE D 182 -48.90 -23.21 4.22
N HIS D 183 -49.33 -23.86 3.14
CA HIS D 183 -50.45 -23.31 2.36
C HIS D 183 -51.71 -23.16 3.22
N ALA D 184 -51.93 -24.10 4.14
CA ALA D 184 -53.06 -23.98 5.06
C ALA D 184 -52.93 -22.73 5.93
N GLU D 185 -51.70 -22.39 6.33
CA GLU D 185 -51.55 -21.29 7.27
C GLU D 185 -51.60 -19.91 6.60
N VAL D 186 -50.97 -19.74 5.43
CA VAL D 186 -50.81 -18.39 4.88
C VAL D 186 -51.84 -18.05 3.81
N GLY D 187 -52.60 -19.03 3.38
CA GLY D 187 -53.56 -18.80 2.36
C GLY D 187 -52.97 -19.16 1.04
N ASP D 188 -53.10 -18.27 0.08
CA ASP D 188 -52.55 -18.51 -1.22
C ASP D 188 -51.13 -18.07 -1.27
N CYS D 189 -50.33 -18.81 -2.01
CA CYS D 189 -48.95 -18.52 -2.02
C CYS D 189 -48.31 -18.71 -3.39
N ILE D 190 -47.08 -18.23 -3.56
CA ILE D 190 -46.31 -18.44 -4.77
C ILE D 190 -45.22 -19.46 -4.49
N TYR D 191 -44.55 -19.89 -5.56
CA TYR D 191 -43.39 -20.77 -5.44
C TYR D 191 -42.35 -20.38 -6.48
N LYS D 192 -41.23 -19.83 -6.02
CA LYS D 192 -40.11 -19.44 -6.86
C LYS D 192 -39.07 -20.55 -6.89
N PRO D 193 -38.20 -20.56 -7.92
CA PRO D 193 -37.21 -21.63 -8.02
C PRO D 193 -36.22 -21.61 -6.86
N VAL D 194 -35.72 -22.82 -6.55
CA VAL D 194 -34.78 -23.00 -5.44
C VAL D 194 -33.57 -22.10 -5.57
N ALA D 195 -33.15 -21.79 -6.80
CA ALA D 195 -31.96 -20.98 -7.00
C ALA D 195 -32.09 -20.15 -8.28
N GLY D 196 -33.24 -19.51 -8.46
CA GLY D 196 -33.43 -18.62 -9.59
C GLY D 196 -33.45 -19.33 -10.93
N GLY D 197 -33.64 -18.58 -12.01
CA GLY D 197 -33.68 -19.14 -13.35
C GLY D 197 -35.07 -19.39 -13.89
N ALA D 198 -36.11 -19.18 -13.09
CA ALA D 198 -37.49 -19.27 -13.55
C ALA D 198 -38.26 -18.12 -12.91
N ARG D 199 -39.59 -18.20 -13.07
CA ARG D 199 -40.45 -17.13 -12.62
C ARG D 199 -41.29 -17.49 -11.44
N THR D 200 -41.55 -16.49 -10.60
CA THR D 200 -42.44 -16.72 -9.47
C THR D 200 -43.84 -17.04 -9.98
N ARG D 201 -44.32 -18.26 -9.69
CA ARG D 201 -45.65 -18.70 -10.13
C ARG D 201 -46.57 -18.93 -8.97
N LYS D 202 -47.86 -18.98 -9.22
CA LYS D 202 -48.90 -19.11 -8.20
C LYS D 202 -49.17 -20.58 -7.90
N LEU D 203 -49.24 -20.91 -6.62
CA LEU D 203 -49.54 -22.28 -6.18
C LEU D 203 -51.04 -22.52 -6.37
N GLU D 204 -51.40 -23.32 -7.36
CA GLU D 204 -52.79 -23.64 -7.63
C GLU D 204 -53.23 -24.85 -6.84
N ALA D 205 -54.48 -24.80 -6.36
CA ALA D 205 -55.05 -25.93 -5.62
C ALA D 205 -54.92 -27.24 -6.38
N LYS D 206 -54.85 -27.16 -7.71
CA LYS D 206 -54.65 -28.36 -8.53
C LYS D 206 -53.27 -28.97 -8.31
N ASP D 207 -52.29 -28.16 -7.93
CA ASP D 207 -50.97 -28.67 -7.62
C ASP D 207 -50.93 -29.43 -6.31
N LEU D 208 -51.90 -29.18 -5.42
CA LEU D 208 -51.83 -29.70 -4.07
C LEU D 208 -52.25 -31.16 -3.96
N GLU D 209 -52.92 -31.68 -4.99
CA GLU D 209 -53.27 -33.10 -4.99
C GLU D 209 -52.02 -33.95 -4.94
N ALA D 210 -52.15 -35.17 -4.44
CA ALA D 210 -50.97 -35.99 -4.18
C ALA D 210 -50.00 -36.05 -5.36
N ASP D 211 -50.54 -36.10 -6.58
CA ASP D 211 -49.71 -36.22 -7.77
C ASP D 211 -48.69 -35.08 -7.88
N ARG D 212 -49.17 -33.86 -8.15
CA ARG D 212 -48.26 -32.73 -8.34
C ARG D 212 -47.64 -32.26 -7.03
N ILE D 213 -48.22 -32.61 -5.88
CA ILE D 213 -47.65 -32.20 -4.60
C ILE D 213 -46.40 -33.03 -4.31
N GLU D 214 -46.47 -34.33 -4.57
CA GLU D 214 -45.32 -35.21 -4.39
C GLU D 214 -44.20 -34.93 -5.39
N ARG D 215 -44.42 -34.02 -6.34
CA ARG D 215 -43.38 -33.70 -7.32
C ARG D 215 -42.15 -33.11 -6.65
N LEU D 216 -42.34 -32.33 -5.60
CA LEU D 216 -41.23 -31.68 -4.89
C LEU D 216 -40.58 -32.56 -3.85
N SER D 217 -40.87 -33.88 -3.87
CA SER D 217 -40.33 -34.78 -2.85
C SER D 217 -38.81 -34.87 -2.94
N ALA D 218 -38.25 -34.81 -4.16
CA ALA D 218 -36.82 -34.80 -4.35
C ALA D 218 -36.39 -33.65 -5.26
N ALA D 219 -37.17 -32.57 -5.25
CA ALA D 219 -36.91 -31.40 -6.10
C ALA D 219 -37.42 -30.17 -5.36
N PRO D 220 -36.62 -29.60 -4.48
CA PRO D 220 -37.10 -28.47 -3.66
C PRO D 220 -37.32 -27.19 -4.48
N VAL D 221 -38.26 -26.38 -4.01
CA VAL D 221 -38.49 -25.03 -4.46
C VAL D 221 -38.79 -24.18 -3.23
N CYS D 222 -39.01 -22.88 -3.44
CA CYS D 222 -39.27 -21.96 -2.32
C CYS D 222 -40.70 -21.46 -2.40
N PHE D 223 -41.55 -21.93 -1.48
CA PHE D 223 -42.92 -21.44 -1.39
C PHE D 223 -42.95 -20.23 -0.47
N GLN D 224 -43.94 -19.36 -0.68
CA GLN D 224 -43.84 -18.03 -0.08
C GLN D 224 -45.19 -17.32 -0.19
N GLU D 225 -45.57 -16.59 0.85
CA GLU D 225 -46.88 -15.93 0.83
C GLU D 225 -46.99 -15.01 -0.38
N LEU D 226 -48.12 -15.10 -1.08
CA LEU D 226 -48.35 -14.33 -2.30
C LEU D 226 -48.64 -12.89 -1.90
N LEU D 227 -47.64 -12.03 -2.00
CA LEU D 227 -47.84 -10.60 -1.81
C LEU D 227 -48.55 -10.02 -3.03
N THR D 228 -49.54 -9.18 -2.73
CA THR D 228 -50.34 -8.57 -3.77
C THR D 228 -49.91 -7.16 -3.73
N GLY D 229 -48.82 -6.88 -4.42
CA GLY D 229 -48.31 -5.56 -4.30
C GLY D 229 -47.44 -5.06 -5.39
N ASP D 230 -46.84 -3.94 -5.11
CA ASP D 230 -46.05 -3.32 -6.12
C ASP D 230 -44.59 -3.67 -6.00
N ASP D 231 -44.13 -4.45 -6.96
CA ASP D 231 -42.76 -4.81 -6.99
C ASP D 231 -41.94 -3.56 -7.15
N VAL D 232 -40.95 -3.37 -6.29
CA VAL D 232 -40.12 -2.20 -6.33
C VAL D 232 -38.67 -2.58 -6.26
N ARG D 233 -37.89 -2.20 -7.24
CA ARG D 233 -36.45 -2.41 -7.23
C ARG D 233 -35.79 -1.20 -6.57
N VAL D 234 -34.97 -1.45 -5.56
CA VAL D 234 -34.26 -0.40 -4.85
C VAL D 234 -32.77 -0.60 -5.05
N TYR D 235 -32.08 0.48 -5.42
CA TYR D 235 -30.63 0.45 -5.57
C TYR D 235 -29.99 1.17 -4.39
N VAL D 236 -28.97 0.54 -3.82
CA VAL D 236 -28.28 1.03 -2.63
C VAL D 236 -26.79 1.01 -2.89
N ILE D 237 -26.15 2.17 -2.81
CA ILE D 237 -24.71 2.30 -2.99
C ILE D 237 -24.16 3.06 -1.78
N ASP D 238 -23.21 2.44 -1.07
CA ASP D 238 -22.48 3.08 0.03
C ASP D 238 -23.45 3.62 1.08
N ASP D 239 -24.42 2.78 1.46
CA ASP D 239 -25.43 3.09 2.48
C ASP D 239 -26.35 4.24 2.08
N GLN D 240 -26.39 4.58 0.80
CA GLN D 240 -27.31 5.60 0.34
C GLN D 240 -28.25 5.00 -0.68
N VAL D 241 -29.52 5.32 -0.63
CA VAL D 241 -30.51 4.85 -1.59
C VAL D 241 -30.44 5.73 -2.83
N ILE D 242 -30.39 5.11 -4.00
CA ILE D 242 -30.20 5.82 -5.26
C ILE D 242 -31.53 6.06 -5.98
N CYS D 243 -32.43 5.07 -5.98
CA CYS D 243 -33.75 5.19 -6.58
C CYS D 243 -34.56 3.95 -6.28
N ALA D 244 -35.88 4.07 -6.45
CA ALA D 244 -36.81 2.96 -6.29
C ALA D 244 -37.81 2.98 -7.44
N LEU D 245 -37.89 1.87 -8.16
CA LEU D 245 -38.71 1.83 -9.35
C LEU D 245 -39.75 0.73 -9.34
N ARG D 246 -40.95 1.00 -9.83
CA ARG D 246 -42.04 0.05 -9.75
C ARG D 246 -42.26 -0.52 -11.10
N ILE D 247 -42.42 -1.82 -11.16
CA ILE D 247 -42.53 -2.45 -12.45
C ILE D 247 -43.91 -2.95 -12.73
N VAL D 248 -44.29 -2.89 -14.00
CA VAL D 248 -45.57 -3.44 -14.39
C VAL D 248 -45.38 -4.77 -15.11
N ASP D 250 -44.58 -7.91 -17.91
CA ASP D 250 -45.20 -8.25 -19.21
C ASP D 250 -46.52 -7.54 -19.51
N GLU D 251 -46.59 -6.85 -20.64
CA GLU D 251 -47.80 -6.08 -20.95
C GLU D 251 -48.37 -6.26 -22.35
N ILE D 252 -49.67 -6.00 -22.51
CA ILE D 252 -50.32 -6.17 -23.82
C ILE D 252 -50.87 -4.85 -24.36
N ASP D 253 -51.48 -4.04 -23.50
CA ASP D 253 -52.01 -2.75 -23.91
C ASP D 253 -51.08 -1.96 -24.81
N PHE D 254 -51.55 -1.61 -25.99
CA PHE D 254 -50.69 -0.92 -26.94
C PHE D 254 -50.35 0.50 -26.58
N ARG D 255 -51.00 1.05 -25.56
CA ARG D 255 -50.78 2.44 -25.20
C ARG D 255 -49.44 2.64 -24.52
N GLN D 256 -49.15 1.86 -23.49
CA GLN D 256 -47.87 1.96 -22.80
C GLN D 256 -46.95 0.85 -23.26
N ALA D 257 -46.06 0.40 -22.40
CA ALA D 257 -45.11 -0.61 -22.83
C ALA D 257 -44.94 -1.83 -21.97
N GLU D 258 -44.09 -2.74 -22.40
CA GLU D 258 -43.80 -3.93 -21.62
C GLU D 258 -42.94 -3.47 -20.50
N GLU D 259 -43.17 -3.99 -19.30
CA GLU D 259 -42.42 -3.56 -18.13
C GLU D 259 -42.41 -2.07 -18.05
N ARG D 260 -43.56 -1.50 -17.76
CA ARG D 260 -43.59 -0.08 -17.57
C ARG D 260 -42.93 0.14 -16.22
N ILE D 261 -41.69 0.62 -16.23
CA ILE D 261 -40.98 0.82 -14.99
C ILE D 261 -40.89 2.30 -14.71
N GLU D 262 -41.53 2.76 -13.64
CA GLU D 262 -41.51 4.17 -13.29
C GLU D 262 -40.79 4.39 -11.99
N ALA D 263 -40.34 5.60 -11.74
CA ALA D 263 -39.60 5.94 -10.52
C ALA D 263 -40.56 6.42 -9.44
N ILE D 264 -40.33 5.95 -8.21
CA ILE D 264 -41.24 6.17 -7.09
C ILE D 264 -40.45 6.66 -5.88
N GLU D 265 -41.03 7.61 -5.14
CA GLU D 265 -40.52 8.00 -3.84
C GLU D 265 -40.97 7.00 -2.79
N ILE D 266 -40.03 6.47 -2.02
CA ILE D 266 -40.35 5.55 -0.93
C ILE D 266 -40.13 6.26 0.40
N SER D 267 -40.73 5.71 1.45
CA SER D 267 -40.66 6.29 2.80
C SER D 267 -39.21 6.42 3.26
N ASP D 268 -39.01 7.28 4.24
CA ASP D 268 -37.69 7.39 4.85
C ASP D 268 -37.32 6.11 5.59
N GLU D 269 -38.29 5.51 6.27
CA GLU D 269 -38.05 4.28 7.03
C GLU D 269 -37.74 3.11 6.10
N VAL D 270 -38.46 3.01 4.97
CA VAL D 270 -38.18 1.95 4.00
C VAL D 270 -36.78 2.11 3.43
N LYS D 271 -36.35 3.35 3.20
CA LYS D 271 -34.98 3.60 2.76
C LYS D 271 -33.97 3.09 3.78
N ASP D 272 -34.14 3.49 5.05
CA ASP D 272 -33.20 3.04 6.07
C ASP D 272 -33.22 1.52 6.25
N GLN D 273 -34.36 0.86 6.06
CA GLN D 273 -34.38 -0.60 6.12
C GLN D 273 -33.66 -1.23 4.96
N CYS D 274 -33.79 -0.64 3.77
CA CYS D 274 -33.03 -1.18 2.64
C CYS D 274 -31.53 -1.07 2.87
N VAL D 275 -31.06 0.06 3.41
CA VAL D 275 -29.62 0.16 3.65
C VAL D 275 -29.21 -0.77 4.79
N ARG D 276 -30.11 -1.09 5.71
CA ARG D 276 -29.79 -2.00 6.79
C ARG D 276 -29.59 -3.35 6.20
N ALA D 277 -30.49 -3.74 5.33
CA ALA D 277 -30.38 -5.06 4.72
C ALA D 277 -29.09 -5.19 3.91
N ALA D 278 -28.77 -4.15 3.12
CA ALA D 278 -27.53 -4.18 2.35
C ALA D 278 -26.30 -4.28 3.25
N LYS D 279 -26.35 -3.66 4.43
CA LYS D 279 -25.23 -3.77 5.37
C LYS D 279 -25.17 -5.17 5.98
N LEU D 280 -26.32 -5.75 6.32
CA LEU D 280 -26.34 -7.10 6.88
C LEU D 280 -25.72 -8.11 5.92
N VAL D 281 -26.23 -8.16 4.69
CA VAL D 281 -25.72 -9.12 3.72
C VAL D 281 -24.26 -8.85 3.42
N GLY D 282 -23.88 -7.57 3.34
CA GLY D 282 -22.49 -7.23 3.12
C GLY D 282 -22.18 -6.85 1.69
N LEU D 283 -23.00 -5.97 1.13
CA LEU D 283 -22.83 -5.49 -0.23
C LEU D 283 -22.67 -3.97 -0.21
N ARG D 284 -21.79 -3.46 -1.06
CA ARG D 284 -21.62 -2.03 -1.24
C ARG D 284 -22.52 -1.46 -2.31
N TYR D 285 -22.85 -2.25 -3.33
CA TYR D 285 -23.77 -1.83 -4.39
C TYR D 285 -24.75 -2.98 -4.60
N THR D 286 -26.04 -2.72 -4.41
CA THR D 286 -27.03 -3.77 -4.59
C THR D 286 -28.33 -3.21 -5.15
N GLY D 287 -28.86 -3.91 -6.16
CA GLY D 287 -30.25 -3.77 -6.52
C GLY D 287 -31.00 -4.90 -5.83
N MET D 288 -32.06 -4.55 -5.11
CA MET D 288 -32.83 -5.51 -4.34
C MET D 288 -34.30 -5.42 -4.70
N ASP D 289 -34.96 -6.58 -4.76
CA ASP D 289 -36.39 -6.67 -4.97
C ASP D 289 -37.11 -6.62 -3.64
N ILE D 290 -38.11 -5.74 -3.55
CA ILE D 290 -39.09 -5.75 -2.48
C ILE D 290 -40.46 -5.71 -3.14
N LYS D 291 -41.45 -6.16 -2.37
CA LYS D 291 -42.83 -6.17 -2.89
C LYS D 291 -43.78 -5.93 -1.73
N ALA D 292 -44.78 -5.11 -1.93
CA ALA D 292 -45.71 -4.78 -0.86
C ALA D 292 -46.77 -5.87 -0.71
N GLY D 293 -47.41 -5.88 0.46
CA GLY D 293 -48.52 -6.75 0.74
C GLY D 293 -49.86 -6.05 0.61
N ALA D 294 -50.92 -6.80 0.93
CA ALA D 294 -52.27 -6.24 0.88
C ALA D 294 -52.41 -5.04 1.81
N ASP D 295 -51.75 -5.10 2.97
CA ASP D 295 -51.75 -4.00 3.93
C ASP D 295 -50.85 -2.84 3.53
N GLY D 296 -50.35 -2.84 2.30
CA GLY D 296 -49.51 -1.75 1.83
C GLY D 296 -48.18 -1.65 2.56
N ASN D 297 -47.54 -2.78 2.81
CA ASN D 297 -46.26 -2.83 3.52
C ASN D 297 -45.27 -3.60 2.69
N TYR D 298 -44.14 -2.96 2.38
CA TYR D 298 -43.10 -3.63 1.60
C TYR D 298 -42.30 -4.59 2.47
N ARG D 299 -42.14 -5.79 2.00
CA ARG D 299 -41.23 -6.76 2.61
C ARG D 299 -40.01 -6.95 1.70
N VAL D 300 -38.87 -7.22 2.30
CA VAL D 300 -37.68 -7.51 1.51
C VAL D 300 -37.82 -8.87 0.86
N LEU D 301 -37.61 -8.92 -0.46
CA LEU D 301 -37.67 -10.16 -1.22
C LEU D 301 -36.31 -10.75 -1.50
N GLU D 302 -35.36 -9.95 -1.99
CA GLU D 302 -34.09 -10.52 -2.44
C GLU D 302 -33.03 -9.46 -2.70
N LEU D 303 -31.82 -9.68 -2.21
CA LEU D 303 -30.68 -8.84 -2.56
C LEU D 303 -29.81 -9.59 -3.57
N ASN D 304 -29.40 -8.88 -4.61
CA ASN D 304 -28.59 -9.48 -5.67
C ASN D 304 -27.13 -9.15 -5.54
N ALA D 305 -26.27 -10.14 -5.69
CA ALA D 305 -24.84 -9.97 -5.50
C ALA D 305 -24.20 -9.09 -6.56
N SER D 306 -24.83 -8.95 -7.72
CA SER D 306 -24.36 -8.05 -8.77
C SER D 306 -25.52 -7.68 -9.67
N ALA D 307 -26.33 -6.71 -9.26
CA ALA D 307 -27.53 -6.36 -9.98
C ALA D 307 -27.20 -5.67 -11.31
N MET D 308 -28.04 -5.92 -12.30
CA MET D 308 -27.97 -5.18 -13.56
C MET D 308 -28.75 -3.86 -13.43
N PHE D 309 -28.52 -2.97 -14.39
CA PHE D 309 -29.24 -1.70 -14.35
C PHE D 309 -29.60 -1.13 -15.72
N ARG D 310 -29.05 -1.73 -16.79
CA ARG D 310 -29.31 -1.20 -18.13
C ARG D 310 -30.80 -1.27 -18.47
N GLY D 311 -31.41 -2.46 -18.38
CA GLY D 311 -32.83 -2.58 -18.66
C GLY D 311 -33.69 -1.70 -17.78
N PHE D 312 -33.17 -1.34 -16.59
CA PHE D 312 -33.87 -0.44 -15.69
C PHE D 312 -33.57 1.02 -15.99
N GLU D 313 -32.29 1.37 -16.09
CA GLU D 313 -31.88 2.73 -16.47
C GLU D 313 -32.63 3.22 -17.71
N GLY D 314 -32.80 2.34 -18.69
CA GLY D 314 -33.48 2.70 -19.92
C GLY D 314 -34.99 2.83 -19.74
N ARG D 315 -35.61 1.79 -19.19
CA ARG D 315 -37.07 1.78 -19.11
C ARG D 315 -37.62 2.67 -18.01
N ALA D 316 -36.77 3.39 -17.26
CA ALA D 316 -37.27 4.29 -16.24
C ALA D 316 -36.61 5.66 -16.25
N ASN D 317 -35.61 5.89 -17.10
CA ASN D 317 -34.95 7.22 -17.20
C ASN D 317 -34.25 7.70 -15.94
N VAL D 318 -33.48 6.83 -15.28
CA VAL D 318 -32.72 7.23 -14.12
C VAL D 318 -31.26 6.86 -14.36
N ASP D 319 -30.38 7.48 -13.59
CA ASP D 319 -28.94 7.28 -13.70
C ASP D 319 -28.47 6.39 -12.55
N ILE D 320 -28.20 5.12 -12.86
CA ILE D 320 -27.63 4.18 -11.88
C ILE D 320 -26.13 4.02 -12.10
N CYS D 321 -25.71 3.89 -13.35
CA CYS D 321 -24.30 3.71 -13.67
C CYS D 321 -23.47 4.88 -13.14
N GLY D 322 -23.99 6.09 -13.26
CA GLY D 322 -23.30 7.30 -12.87
C GLY D 322 -22.87 7.35 -11.42
N PRO D 323 -23.83 7.22 -10.48
CA PRO D 323 -23.46 7.23 -9.07
C PRO D 323 -22.58 6.06 -8.67
N LEU D 324 -22.71 4.91 -9.32
CA LEU D 324 -21.76 3.81 -9.09
C LEU D 324 -20.34 4.24 -9.43
N CYS D 325 -20.17 4.86 -10.60
CA CYS D 325 -18.86 5.36 -10.98
C CYS D 325 -18.37 6.43 -10.02
N ASP D 326 -19.29 7.25 -9.50
CA ASP D 326 -18.90 8.28 -8.54
C ASP D 326 -18.39 7.67 -7.25
N ALA D 327 -19.01 6.58 -6.80
CA ALA D 327 -18.52 5.90 -5.60
C ALA D 327 -17.15 5.29 -5.84
N LEU D 328 -17.01 4.58 -6.98
CA LEU D 328 -15.71 4.01 -7.34
C LEU D 328 -14.62 5.08 -7.35
N ILE D 329 -14.92 6.23 -7.95
CA ILE D 329 -13.94 7.31 -8.03
C ILE D 329 -13.70 7.93 -6.66
N ALA D 330 -14.73 8.03 -5.83
CA ALA D 330 -14.55 8.56 -4.48
C ALA D 330 -13.54 7.73 -3.70
N GLN D 331 -13.54 6.42 -3.91
CA GLN D 331 -12.57 5.56 -3.22
C GLN D 331 -11.13 5.95 -3.53
N THR D 332 -10.87 6.61 -4.66
CA THR D 332 -9.50 6.97 -5.03
C THR D 332 -8.89 7.99 -4.08
N LYS D 333 -9.71 8.72 -3.33
CA LYS D 333 -9.19 9.68 -2.36
C LYS D 333 -9.54 9.31 -0.92
N LEU E 1 31.77 0.05 -0.35
CA LEU E 1 30.77 0.41 -1.34
C LEU E 1 30.60 -0.69 -2.37
N PHE E 2 29.38 -0.87 -2.86
CA PHE E 2 29.10 -1.85 -3.92
C PHE E 2 29.50 -1.22 -5.22
N ILE E 3 29.13 0.04 -5.42
CA ILE E 3 29.52 0.77 -6.61
C ILE E 3 30.82 1.39 -6.22
N GLU E 4 31.92 0.71 -6.50
CA GLU E 4 33.20 1.18 -6.04
C GLU E 4 33.64 2.47 -6.69
N ASP E 5 33.03 2.79 -7.81
CA ASP E 5 33.44 3.96 -8.56
C ASP E 5 32.68 5.22 -8.24
N LEU E 6 32.21 5.33 -7.01
CA LEU E 6 31.41 6.49 -6.67
C LEU E 6 32.35 7.63 -6.44
N GLY E 7 33.34 7.41 -5.59
CA GLY E 7 34.21 8.49 -5.24
C GLY E 7 35.44 8.59 -6.08
N LYS E 8 35.36 8.03 -7.27
CA LYS E 8 36.48 8.08 -8.16
C LYS E 8 36.38 9.37 -8.89
N VAL E 9 37.45 10.13 -8.88
CA VAL E 9 37.47 11.42 -9.55
C VAL E 9 38.14 11.24 -10.90
N THR E 10 38.39 10.00 -11.29
CA THR E 10 38.97 9.69 -12.60
C THR E 10 39.75 10.80 -13.29
N THR E 18 36.27 17.38 -11.29
CA THR E 18 35.40 16.33 -10.80
C THR E 18 34.72 15.59 -11.93
N THR E 19 34.42 14.31 -11.71
CA THR E 19 33.69 13.54 -12.70
C THR E 19 32.36 14.18 -12.89
N LEU E 20 31.96 14.38 -14.13
CA LEU E 20 30.73 15.10 -14.39
C LEU E 20 29.53 14.21 -14.35
N ALA E 21 29.59 13.12 -13.60
CA ALA E 21 28.43 12.28 -13.47
C ALA E 21 27.45 12.94 -12.53
N ILE E 22 27.89 14.01 -11.87
CA ILE E 22 27.06 14.73 -10.90
C ILE E 22 26.87 16.14 -11.36
N GLY E 23 27.17 16.41 -12.62
CA GLY E 23 27.12 17.77 -13.09
C GLY E 23 25.75 18.36 -13.26
N GLU E 24 24.84 17.62 -13.90
CA GLU E 24 23.53 18.16 -14.18
C GLU E 24 22.58 18.10 -12.99
N GLU E 25 23.02 17.53 -11.89
CA GLU E 25 22.16 17.38 -10.72
C GLU E 25 21.32 18.59 -10.42
N LEU F 1 -2.55 -30.08 -18.78
CA LEU F 1 -2.27 -29.92 -17.36
C LEU F 1 -0.80 -30.22 -17.05
N PHE F 2 -0.13 -29.28 -16.40
CA PHE F 2 1.24 -29.52 -15.95
C PHE F 2 1.28 -30.64 -14.93
N ILE F 3 0.38 -30.61 -13.96
CA ILE F 3 0.23 -31.69 -12.98
C ILE F 3 -0.73 -32.70 -13.61
N GLU F 4 -0.18 -33.65 -14.36
CA GLU F 4 -1.00 -34.60 -15.12
C GLU F 4 -1.86 -35.46 -14.20
N ASP F 5 -1.28 -35.97 -13.12
CA ASP F 5 -2.01 -36.89 -12.24
C ASP F 5 -2.97 -36.14 -11.33
N LEU F 6 -3.73 -35.20 -11.89
CA LEU F 6 -4.67 -34.41 -11.10
C LEU F 6 -5.98 -35.17 -10.87
N GLY F 7 -6.74 -35.39 -11.94
CA GLY F 7 -8.02 -36.08 -11.82
C GLY F 7 -7.90 -37.59 -11.80
N LYS F 8 -6.76 -38.11 -11.39
CA LYS F 8 -6.52 -39.54 -11.41
C LYS F 8 -7.28 -40.23 -10.27
N VAL F 9 -7.72 -41.45 -10.54
CA VAL F 9 -8.46 -42.25 -9.57
C VAL F 9 -7.94 -43.68 -9.54
N THR F 19 -9.95 -40.02 -3.15
CA THR F 19 -8.62 -39.68 -3.61
C THR F 19 -7.68 -39.41 -2.46
N LEU F 20 -8.20 -39.07 -1.29
CA LEU F 20 -7.38 -38.80 -0.08
C LEU F 20 -6.55 -37.53 -0.11
N ALA F 21 -6.35 -36.92 -1.27
CA ALA F 21 -5.46 -35.80 -1.30
C ALA F 21 -6.37 -34.63 -1.06
N ILE F 22 -7.67 -34.89 -1.01
CA ILE F 22 -8.65 -33.85 -0.80
C ILE F 22 -9.28 -34.15 0.55
N GLY F 23 -8.94 -35.29 1.13
CA GLY F 23 -9.54 -35.72 2.38
C GLY F 23 -9.57 -34.74 3.52
N GLU F 24 -8.48 -34.05 3.74
CA GLU F 24 -8.39 -33.19 4.87
C GLU F 24 -8.86 -31.78 4.56
N GLU F 25 -9.40 -31.57 3.38
CA GLU F 25 -9.96 -30.27 3.08
C GLU F 25 -11.48 -30.33 3.02
PB ADP G . 22.17 10.03 -13.40
O1B ADP G . 21.16 11.14 -13.44
O2B ADP G . 22.72 9.75 -12.03
O3B ADP G . 23.23 10.12 -14.45
PA ADP G . 20.22 8.46 -14.81
O1A ADP G . 20.09 9.67 -15.69
O2A ADP G . 19.00 7.89 -14.13
O3A ADP G . 21.38 8.66 -13.72
O5' ADP G . 20.83 7.32 -15.70
C5' ADP G . 22.07 7.52 -16.36
C4' ADP G . 22.08 6.73 -17.65
O4' ADP G . 21.91 5.35 -17.36
C3' ADP G . 20.92 7.17 -18.50
O3' ADP G . 21.40 7.88 -19.62
C2' ADP G . 20.28 5.89 -18.98
O2' ADP G . 20.64 5.74 -20.34
C1' ADP G . 20.88 4.77 -18.16
N9 ADP G . 19.80 4.21 -17.30
C8 ADP G . 19.34 4.69 -16.13
N7 ADP G . 18.34 3.93 -15.65
C5 ADP G . 18.14 2.94 -16.53
C6 ADP G . 17.24 1.79 -16.64
N6 ADP G . 16.31 1.51 -15.70
N1 ADP G . 17.37 1.02 -17.72
C2 ADP G . 18.27 1.27 -18.67
N3 ADP G . 19.12 2.29 -18.63
C4 ADP G . 19.11 3.15 -17.61
MG MG H . 20.48 11.70 -16.24
MG MG I . 21.16 13.19 -11.99
PB ADP J . -1.81 -30.59 0.65
O1B ADP J . -2.51 -29.86 1.79
O2B ADP J . -1.45 -32.02 0.95
O3B ADP J . -2.51 -30.45 -0.68
PA ADP J . 0.75 -29.77 1.51
O1A ADP J . 1.33 -28.40 1.51
O2A ADP J . 0.28 -30.41 2.78
O3A ADP J . -0.42 -29.83 0.43
O5' ADP J . 1.85 -30.73 0.89
C5' ADP J . 1.87 -32.08 1.34
C4' ADP J . 3.30 -32.52 1.62
O4' ADP J . 4.18 -32.01 0.63
C3' ADP J . 3.77 -31.93 2.93
O3' ADP J . 3.62 -32.90 3.95
C2' ADP J . 5.23 -31.72 2.69
O2' ADP J . 5.87 -32.91 3.14
C1' ADP J . 5.41 -31.59 1.20
N9 ADP J . 5.68 -30.18 0.86
C8 ADP J . 4.78 -29.21 0.62
N7 ADP J . 5.40 -28.03 0.34
C5 ADP J . 6.71 -28.27 0.40
C6 ADP J . 7.93 -27.47 0.19
N6 ADP J . 7.87 -26.17 -0.12
N1 ADP J . 9.10 -28.09 0.34
C2 ADP J . 9.18 -29.39 0.65
N3 ADP J . 8.12 -30.17 0.85
C4 ADP J . 6.88 -29.67 0.73
MG MG K . -0.86 -31.22 4.43
MG MG L . -5.13 -29.62 1.57
#